data_5SOH
#
_entry.id   5SOH
#
_cell.length_a   137.349
_cell.length_b   65.369
_cell.length_c   84.429
_cell.angle_alpha   90.000
_cell.angle_beta   93.450
_cell.angle_gamma   90.000
#
_symmetry.space_group_name_H-M   'C 1 2 1'
#
loop_
_entity.id
_entity.type
_entity.pdbx_description
1 polymer '3-oxoacyl-[acyl-carrier-protein] synthase 2'
2 non-polymer (azepan-1-yl)(2H-1,3-benzodioxol-5-yl)methanone
3 non-polymer 'DIMETHYL SULFOXIDE'
4 non-polymer 'PHOSPHATE ION'
5 water water
#
_entity_poly.entity_id   1
_entity_poly.type   'polypeptide(L)'
_entity_poly.pdbx_seq_one_letter_code
;MSRRRVVITGMGMLSPLGLDVPSSWEGILAGRSGIAPIEHMDLSAYSTRFGGSVKGFNVEEYLSAKEARKLDLFIQYGLA
ASFQAVRDSGLEVTDANRERIGVSMGSGIGGLTNIENNCRSLFEQGPRRISPFFVPGSIINMVSGFLSIHLGLQGPNYAL
TTAQTTGTHSIGMAARNIAYGEADVMVAGGSEMAACGLGLGGFGAARALSTRNDEPTRASRPWDRDRDGFVLSDGSGALV
LEELEHARARGARIYAELVGFGMSGDAFHMTAPPEDGAGAARCMKNALRDAGLDPRQVDYINAHGTSTPAGDIAEIAAVK
SVFGEHAHALSMSSTKSMTGHLLGAAGAVEAIFSVLALRDQVAPPTINLDNPDEGCDLDLVAHEAKPRKIDVALSNSFGF
GGTNGTLVFRRFAD
;
_entity_poly.pdbx_strand_id   A,B
#
loop_
_chem_comp.id
_chem_comp.type
_chem_comp.name
_chem_comp.formula
DMS non-polymer 'DIMETHYL SULFOXIDE' 'C2 H6 O S'
JGP non-polymer (azepan-1-yl)(2H-1,3-benzodioxol-5-yl)methanone 'C14 H17 N O3'
PO4 non-polymer 'PHOSPHATE ION' 'O4 P -3'
#
# COMPACT_ATOMS: atom_id res chain seq x y z
N SER A 2 16.30 0.55 -20.94
CA SER A 2 15.66 1.88 -21.26
C SER A 2 14.13 1.75 -21.24
N ARG A 3 13.42 2.86 -21.02
CA ARG A 3 11.98 2.88 -20.64
C ARG A 3 11.11 2.31 -21.77
N ARG A 4 10.33 1.27 -21.47
CA ARG A 4 9.44 0.62 -22.46
C ARG A 4 8.06 1.26 -22.39
N ARG A 5 7.31 1.13 -23.48
CA ARG A 5 5.90 1.60 -23.57
C ARG A 5 4.96 0.56 -22.95
N VAL A 6 3.82 1.04 -22.46
CA VAL A 6 2.84 0.22 -21.71
C VAL A 6 1.46 0.42 -22.30
N VAL A 7 0.80 -0.69 -22.63
CA VAL A 7 -0.58 -0.65 -23.17
C VAL A 7 -1.55 -1.43 -22.27
N ILE A 8 -2.81 -1.17 -22.48
CA ILE A 8 -3.92 -1.81 -21.74
C ILE A 8 -4.53 -2.87 -22.66
N THR A 9 -4.54 -4.13 -22.22
CA THR A 9 -4.96 -5.27 -23.06
C THR A 9 -6.12 -6.02 -22.40
N GLY A 10 -6.51 -5.67 -21.16
CA GLY A 10 -7.64 -6.33 -20.47
C GLY A 10 -8.18 -5.45 -19.36
N MET A 11 -9.49 -5.51 -19.14
CA MET A 11 -10.16 -4.67 -18.11
C MET A 11 -11.27 -5.50 -17.46
N GLY A 12 -11.47 -5.24 -16.17
CA GLY A 12 -12.47 -5.93 -15.35
C GLY A 12 -13.02 -5.01 -14.29
N MET A 13 -14.29 -5.19 -13.92
CA MET A 13 -14.99 -4.23 -13.04
C MET A 13 -16.18 -4.89 -12.31
N LEU A 14 -16.35 -4.51 -11.05
CA LEU A 14 -17.65 -4.50 -10.35
C LEU A 14 -17.92 -3.05 -9.94
N SER A 15 -19.10 -2.56 -10.20
CA SER A 15 -19.47 -1.18 -9.84
C SER A 15 -20.94 -1.16 -9.45
N PRO A 16 -21.42 -0.03 -8.87
CA PRO A 16 -22.84 0.13 -8.59
C PRO A 16 -23.70 0.14 -9.86
N LEU A 17 -23.10 0.15 -11.06
CA LEU A 17 -23.87 0.17 -12.34
C LEU A 17 -23.82 -1.20 -13.02
N GLY A 18 -22.97 -2.12 -12.57
CA GLY A 18 -22.85 -3.40 -13.31
C GLY A 18 -21.87 -4.38 -12.71
N LEU A 19 -22.04 -5.66 -13.09
CA LEU A 19 -21.20 -6.76 -12.59
C LEU A 19 -20.05 -7.03 -13.58
N ASP A 20 -19.87 -6.17 -14.57
CA ASP A 20 -18.71 -6.21 -15.48
C ASP A 20 -18.52 -4.85 -16.16
N VAL A 21 -17.51 -4.75 -17.01
CA VAL A 21 -17.20 -3.47 -17.70
C VAL A 21 -18.33 -3.07 -18.63
N PRO A 22 -18.74 -3.89 -19.63
CA PRO A 22 -19.76 -3.44 -20.58
C PRO A 22 -21.07 -2.93 -19.97
N SER A 23 -21.59 -3.66 -18.97
CA SER A 23 -22.86 -3.33 -18.28
C SER A 23 -22.65 -2.02 -17.51
N SER A 24 -21.50 -1.86 -16.85
CA SER A 24 -21.18 -0.60 -16.14
C SER A 24 -21.14 0.56 -17.14
N TRP A 25 -20.42 0.38 -18.25
CA TRP A 25 -20.24 1.43 -19.29
C TRP A 25 -21.59 1.85 -19.92
N GLU A 26 -22.47 0.90 -20.21
N GLU A 26 -22.46 0.88 -20.22
CA GLU A 26 -23.82 1.19 -20.74
CA GLU A 26 -23.85 1.14 -20.72
C GLU A 26 -24.56 2.11 -19.76
C GLU A 26 -24.55 2.11 -19.76
N GLY A 27 -24.47 1.85 -18.45
CA GLY A 27 -25.06 2.71 -17.41
C GLY A 27 -24.46 4.10 -17.46
N ILE A 28 -23.13 4.19 -17.56
CA ILE A 28 -22.38 5.49 -17.64
C ILE A 28 -22.90 6.27 -18.85
N LEU A 29 -22.96 5.64 -20.01
CA LEU A 29 -23.33 6.40 -21.25
C LEU A 29 -24.81 6.79 -21.20
N ALA A 30 -25.63 6.03 -20.45
CA ALA A 30 -27.07 6.32 -20.36
C ALA A 30 -27.37 7.29 -19.21
N GLY A 31 -26.37 7.70 -18.43
CA GLY A 31 -26.61 8.70 -17.36
C GLY A 31 -27.35 8.06 -16.20
N ARG A 32 -27.21 6.76 -15.99
CA ARG A 32 -27.96 6.02 -14.94
C ARG A 32 -27.22 6.17 -13.60
N SER A 33 -27.95 6.37 -12.51
CA SER A 33 -27.43 6.36 -11.12
C SER A 33 -27.40 4.93 -10.55
N GLY A 34 -26.31 4.56 -9.89
CA GLY A 34 -26.13 3.30 -9.16
C GLY A 34 -26.43 3.47 -7.69
N ILE A 35 -26.95 4.61 -7.26
CA ILE A 35 -27.03 4.97 -5.82
C ILE A 35 -28.45 4.68 -5.32
N ALA A 36 -28.55 4.11 -4.13
CA ALA A 36 -29.82 3.62 -3.56
C ALA A 36 -29.66 3.43 -2.06
N PRO A 37 -30.79 3.45 -1.31
CA PRO A 37 -30.77 3.12 0.11
C PRO A 37 -30.08 1.76 0.25
N ILE A 38 -29.24 1.67 1.27
CA ILE A 38 -28.48 0.45 1.60
C ILE A 38 -29.45 -0.54 2.25
N GLU A 39 -29.44 -1.76 1.73
CA GLU A 39 -30.33 -2.86 2.17
C GLU A 39 -29.63 -3.79 3.17
N HIS A 40 -28.30 -3.86 3.19
CA HIS A 40 -27.56 -4.95 3.88
C HIS A 40 -27.51 -4.71 5.41
N MET A 41 -27.89 -3.53 5.88
CA MET A 41 -27.86 -3.23 7.34
C MET A 41 -28.86 -2.15 7.72
N ASP A 42 -29.21 -2.08 8.99
CA ASP A 42 -30.13 -1.09 9.61
C ASP A 42 -29.35 0.20 9.92
N LEU A 43 -29.50 1.23 9.08
CA LEU A 43 -28.77 2.52 9.23
C LEU A 43 -29.68 3.59 9.84
N SER A 44 -30.71 3.23 10.61
CA SER A 44 -31.66 4.25 11.14
C SER A 44 -30.94 5.23 12.07
N ALA A 45 -29.88 4.83 12.79
CA ALA A 45 -29.11 5.71 13.71
C ALA A 45 -28.04 6.54 12.95
N TYR A 46 -27.86 6.34 11.64
CA TYR A 46 -26.77 6.98 10.85
C TYR A 46 -27.32 8.20 10.11
N SER A 47 -26.49 9.20 9.89
CA SER A 47 -26.88 10.44 9.17
C SER A 47 -26.92 10.20 7.66
N THR A 48 -26.30 9.10 7.17
CA THR A 48 -26.29 8.70 5.74
C THR A 48 -26.71 7.22 5.67
N ARG A 49 -27.72 6.93 4.85
CA ARG A 49 -28.36 5.59 4.82
C ARG A 49 -28.38 5.05 3.39
N PHE A 50 -27.61 5.62 2.47
CA PHE A 50 -27.59 5.19 1.05
C PHE A 50 -26.15 5.16 0.56
N GLY A 51 -25.95 4.58 -0.61
CA GLY A 51 -24.63 4.50 -1.24
C GLY A 51 -24.70 3.72 -2.53
N GLY A 52 -23.53 3.48 -3.13
CA GLY A 52 -23.40 2.67 -4.35
C GLY A 52 -23.00 1.26 -4.02
N SER A 53 -23.99 0.38 -3.90
CA SER A 53 -23.81 -1.06 -3.60
C SER A 53 -23.55 -1.78 -4.91
N VAL A 54 -22.74 -2.83 -4.89
CA VAL A 54 -22.72 -3.79 -6.01
C VAL A 54 -23.99 -4.64 -5.86
N LYS A 55 -24.84 -4.75 -6.88
CA LYS A 55 -26.16 -5.43 -6.75
C LYS A 55 -26.06 -6.80 -7.40
N GLY A 56 -26.39 -7.87 -6.68
CA GLY A 56 -26.56 -9.21 -7.26
C GLY A 56 -25.23 -9.87 -7.59
N PHE A 57 -24.17 -9.48 -6.90
CA PHE A 57 -22.83 -10.10 -7.11
C PHE A 57 -22.90 -11.57 -6.73
N ASN A 58 -22.43 -12.42 -7.64
CA ASN A 58 -22.39 -13.88 -7.43
C ASN A 58 -20.92 -14.31 -7.41
N VAL A 59 -20.35 -14.41 -6.23
CA VAL A 59 -18.92 -14.77 -6.11
C VAL A 59 -18.69 -16.18 -6.69
N GLU A 60 -19.71 -17.02 -6.72
CA GLU A 60 -19.60 -18.40 -7.30
C GLU A 60 -19.55 -18.38 -8.83
N GLU A 61 -19.49 -17.21 -9.49
CA GLU A 61 -19.01 -17.09 -10.89
C GLU A 61 -17.50 -17.18 -10.95
N TYR A 62 -16.82 -17.10 -9.82
CA TYR A 62 -15.34 -16.96 -9.77
C TYR A 62 -14.70 -17.98 -8.84
N LEU A 63 -15.25 -18.18 -7.65
CA LEU A 63 -14.61 -18.94 -6.56
C LEU A 63 -15.65 -19.84 -5.91
N SER A 64 -15.20 -20.91 -5.29
CA SER A 64 -16.04 -21.82 -4.47
C SER A 64 -16.61 -21.07 -3.26
N ALA A 65 -17.84 -21.39 -2.84
CA ALA A 65 -18.46 -20.80 -1.64
C ALA A 65 -17.54 -21.05 -0.44
N LYS A 66 -16.87 -22.19 -0.41
CA LYS A 66 -16.01 -22.53 0.77
C LYS A 66 -14.90 -21.47 0.98
N GLU A 67 -14.25 -21.06 -0.12
CA GLU A 67 -13.19 -20.04 -0.12
C GLU A 67 -13.82 -18.66 0.13
N ALA A 68 -14.88 -18.34 -0.60
CA ALA A 68 -15.52 -16.99 -0.59
C ALA A 68 -15.89 -16.62 0.85
N ARG A 69 -16.32 -17.61 1.65
CA ARG A 69 -16.79 -17.41 3.05
C ARG A 69 -15.62 -16.91 3.93
N LYS A 70 -14.36 -17.08 3.54
CA LYS A 70 -13.22 -16.65 4.39
C LYS A 70 -12.65 -15.31 3.90
N LEU A 71 -13.20 -14.74 2.82
CA LEU A 71 -12.67 -13.48 2.22
C LEU A 71 -13.59 -12.29 2.51
N ASP A 72 -13.03 -11.19 2.97
CA ASP A 72 -13.80 -9.93 2.97
C ASP A 72 -14.31 -9.67 1.57
N LEU A 73 -15.48 -9.02 1.50
CA LEU A 73 -16.04 -8.55 0.22
C LEU A 73 -15.02 -7.76 -0.61
N PHE A 74 -14.14 -6.95 -0.01
CA PHE A 74 -13.20 -6.13 -0.84
C PHE A 74 -12.26 -7.08 -1.61
N ILE A 75 -11.88 -8.22 -1.00
CA ILE A 75 -11.04 -9.24 -1.71
C ILE A 75 -11.89 -9.91 -2.78
N GLN A 76 -13.13 -10.32 -2.45
CA GLN A 76 -14.00 -10.96 -3.43
C GLN A 76 -14.11 -10.05 -4.66
N TYR A 77 -14.36 -8.75 -4.46
CA TYR A 77 -14.60 -7.82 -5.59
C TYR A 77 -13.30 -7.66 -6.38
N GLY A 78 -12.18 -7.50 -5.69
CA GLY A 78 -10.87 -7.33 -6.34
C GLY A 78 -10.48 -8.57 -7.18
N LEU A 79 -10.74 -9.76 -6.66
CA LEU A 79 -10.49 -11.02 -7.42
C LEU A 79 -11.42 -11.07 -8.63
N ALA A 80 -12.71 -10.75 -8.47
CA ALA A 80 -13.68 -10.83 -9.58
C ALA A 80 -13.20 -9.91 -10.71
N ALA A 81 -12.87 -8.68 -10.37
CA ALA A 81 -12.42 -7.69 -11.38
C ALA A 81 -11.12 -8.16 -12.04
N SER A 82 -10.18 -8.70 -11.27
CA SER A 82 -8.87 -9.21 -11.75
C SER A 82 -9.08 -10.41 -12.69
N PHE A 83 -9.93 -11.36 -12.29
CA PHE A 83 -10.25 -12.52 -13.16
C PHE A 83 -10.83 -12.01 -14.48
N GLN A 84 -11.78 -11.08 -14.46
CA GLN A 84 -12.36 -10.53 -15.71
C GLN A 84 -11.25 -9.94 -16.58
N ALA A 85 -10.36 -9.15 -16.00
CA ALA A 85 -9.32 -8.41 -16.73
C ALA A 85 -8.39 -9.42 -17.40
N VAL A 86 -7.97 -10.43 -16.67
CA VAL A 86 -7.02 -11.45 -17.19
C VAL A 86 -7.69 -12.20 -18.36
N ARG A 87 -8.94 -12.62 -18.20
N ARG A 87 -8.94 -12.63 -18.21
CA ARG A 87 -9.70 -13.34 -19.27
CA ARG A 87 -9.69 -13.34 -19.28
C ARG A 87 -9.83 -12.41 -20.49
C ARG A 87 -9.85 -12.41 -20.50
N ASP A 88 -10.22 -11.15 -20.26
CA ASP A 88 -10.39 -10.13 -21.33
C ASP A 88 -9.09 -9.96 -22.11
N SER A 89 -7.92 -10.08 -21.46
CA SER A 89 -6.59 -9.87 -22.07
C SER A 89 -6.25 -10.99 -23.07
N GLY A 90 -6.82 -12.19 -22.89
CA GLY A 90 -6.46 -13.41 -23.66
C GLY A 90 -5.05 -13.89 -23.36
N LEU A 91 -4.39 -13.31 -22.35
CA LEU A 91 -3.01 -13.70 -22.01
C LEU A 91 -3.02 -15.12 -21.44
N GLU A 92 -2.07 -15.95 -21.88
CA GLU A 92 -1.85 -17.31 -21.34
C GLU A 92 -0.64 -17.26 -20.43
N VAL A 93 -0.82 -17.63 -19.17
CA VAL A 93 0.23 -17.73 -18.14
C VAL A 93 0.90 -19.12 -18.27
N THR A 94 2.20 -19.11 -18.48
CA THR A 94 3.04 -20.32 -18.70
C THR A 94 4.25 -20.28 -17.77
N ASP A 95 4.98 -21.38 -17.72
CA ASP A 95 6.31 -21.41 -17.05
C ASP A 95 7.24 -20.37 -17.70
N ALA A 96 7.10 -20.08 -18.99
CA ALA A 96 8.00 -19.17 -19.73
C ALA A 96 7.76 -17.71 -19.31
N ASN A 97 6.57 -17.35 -18.84
CA ASN A 97 6.29 -15.90 -18.55
C ASN A 97 5.79 -15.67 -17.11
N ARG A 98 5.58 -16.68 -16.29
CA ARG A 98 4.88 -16.48 -14.97
C ARG A 98 5.75 -15.59 -14.07
N GLU A 99 7.09 -15.64 -14.21
CA GLU A 99 7.98 -14.82 -13.35
C GLU A 99 7.92 -13.34 -13.77
N ARG A 100 7.34 -13.06 -14.93
CA ARG A 100 7.30 -11.69 -15.51
C ARG A 100 5.91 -11.08 -15.42
N ILE A 101 5.00 -11.74 -14.70
CA ILE A 101 3.60 -11.25 -14.51
C ILE A 101 3.38 -11.05 -13.03
N GLY A 102 3.01 -9.82 -12.66
CA GLY A 102 2.75 -9.51 -11.26
C GLY A 102 1.41 -8.85 -11.08
N VAL A 103 1.17 -8.37 -9.86
CA VAL A 103 -0.15 -7.79 -9.52
C VAL A 103 0.05 -6.67 -8.46
N SER A 104 -0.67 -5.61 -8.64
CA SER A 104 -0.75 -4.48 -7.69
C SER A 104 -2.20 -4.02 -7.63
N MET A 105 -2.97 -4.69 -6.78
CA MET A 105 -4.38 -4.33 -6.51
C MET A 105 -4.41 -3.75 -5.09
N GLY A 106 -4.87 -2.52 -4.99
CA GLY A 106 -4.86 -1.79 -3.73
C GLY A 106 -6.25 -1.62 -3.13
N SER A 107 -6.28 -1.06 -1.95
CA SER A 107 -7.53 -0.65 -1.27
C SER A 107 -7.22 0.53 -0.33
N GLY A 108 -8.20 1.40 -0.11
CA GLY A 108 -8.10 2.52 0.84
C GLY A 108 -8.16 2.03 2.28
N ILE A 109 -9.14 1.17 2.56
CA ILE A 109 -9.52 0.72 3.93
C ILE A 109 -9.41 -0.81 4.08
N GLY A 110 -9.51 -1.60 3.01
CA GLY A 110 -9.49 -3.06 3.05
C GLY A 110 -10.67 -3.60 3.86
N GLY A 111 -10.46 -4.65 4.64
CA GLY A 111 -11.56 -5.57 5.03
C GLY A 111 -12.29 -5.07 6.26
N LEU A 112 -12.84 -3.87 6.20
CA LEU A 112 -13.42 -3.21 7.41
C LEU A 112 -14.63 -4.02 7.92
N THR A 113 -15.48 -4.55 7.03
CA THR A 113 -16.63 -5.40 7.42
C THR A 113 -16.13 -6.57 8.28
N ASN A 114 -15.13 -7.30 7.79
CA ASN A 114 -14.54 -8.44 8.51
C ASN A 114 -13.97 -7.98 9.85
N ILE A 115 -13.28 -6.84 9.88
CA ILE A 115 -12.64 -6.34 11.12
C ILE A 115 -13.76 -6.02 12.11
N GLU A 116 -14.84 -5.39 11.65
CA GLU A 116 -15.96 -4.99 12.51
C GLU A 116 -16.61 -6.25 13.08
N ASN A 117 -16.82 -7.29 12.25
CA ASN A 117 -17.50 -8.53 12.68
C ASN A 117 -16.63 -9.30 13.69
N ASN A 118 -15.32 -9.30 13.52
CA ASN A 118 -14.38 -9.96 14.46
C ASN A 118 -14.25 -9.09 15.70
N CYS A 119 -14.36 -7.77 15.58
CA CYS A 119 -14.40 -6.90 16.77
C CYS A 119 -15.66 -7.24 17.61
N ARG A 120 -16.81 -7.45 16.98
CA ARG A 120 -18.07 -7.81 17.67
C ARG A 120 -17.88 -9.15 18.41
N SER A 121 -17.28 -10.15 17.75
CA SER A 121 -16.96 -11.46 18.36
C SER A 121 -16.05 -11.27 19.58
N LEU A 122 -14.98 -10.48 19.43
CA LEU A 122 -14.04 -10.19 20.54
C LEU A 122 -14.80 -9.58 21.72
N PHE A 123 -15.68 -8.60 21.47
CA PHE A 123 -16.25 -7.77 22.56
C PHE A 123 -17.47 -8.47 23.20
N GLU A 124 -18.21 -9.24 22.42
CA GLU A 124 -19.45 -9.92 22.90
C GLU A 124 -19.08 -11.29 23.47
N GLN A 125 -17.98 -11.90 23.01
CA GLN A 125 -17.64 -13.29 23.43
C GLN A 125 -16.24 -13.33 23.99
N GLY A 126 -15.25 -13.06 23.15
CA GLY A 126 -13.87 -13.15 23.57
C GLY A 126 -13.00 -13.49 22.39
N PRO A 127 -11.67 -13.48 22.61
CA PRO A 127 -10.71 -13.73 21.55
C PRO A 127 -10.86 -15.15 21.00
N ARG A 128 -11.38 -16.10 21.79
CA ARG A 128 -11.54 -17.51 21.29
C ARG A 128 -12.51 -17.56 20.11
N ARG A 129 -13.33 -16.54 19.91
CA ARG A 129 -14.30 -16.55 18.79
C ARG A 129 -13.80 -15.75 17.58
N ILE A 130 -12.59 -15.18 17.62
CA ILE A 130 -12.02 -14.52 16.42
C ILE A 130 -11.73 -15.58 15.35
N SER A 131 -12.10 -15.34 14.09
CA SER A 131 -11.87 -16.31 13.00
C SER A 131 -10.38 -16.52 12.80
N PRO A 132 -9.93 -17.78 12.65
CA PRO A 132 -8.56 -18.05 12.18
C PRO A 132 -8.20 -17.40 10.83
N PHE A 133 -9.22 -17.12 10.02
CA PHE A 133 -9.10 -16.59 8.63
C PHE A 133 -9.10 -15.05 8.65
N PHE A 134 -9.35 -14.44 9.82
CA PHE A 134 -9.58 -12.98 9.97
C PHE A 134 -8.44 -12.15 9.32
N VAL A 135 -7.21 -12.42 9.66
CA VAL A 135 -6.06 -11.60 9.18
C VAL A 135 -5.87 -11.76 7.67
N PRO A 136 -5.62 -12.98 7.15
CA PRO A 136 -5.40 -13.12 5.72
C PRO A 136 -6.66 -12.84 4.89
N GLY A 137 -7.84 -12.89 5.51
CA GLY A 137 -9.14 -12.58 4.83
C GLY A 137 -9.50 -11.09 4.83
N SER A 138 -8.69 -10.22 5.43
CA SER A 138 -9.03 -8.79 5.68
C SER A 138 -7.94 -7.81 5.22
N ILE A 139 -6.66 -8.18 5.33
CA ILE A 139 -5.54 -7.22 5.11
C ILE A 139 -5.38 -6.94 3.61
N ILE A 140 -4.91 -5.75 3.31
CA ILE A 140 -5.07 -5.13 1.98
C ILE A 140 -4.28 -5.90 0.92
N ASN A 141 -3.11 -6.45 1.26
CA ASN A 141 -2.21 -7.06 0.27
C ASN A 141 -2.77 -8.38 -0.29
N MET A 142 -3.95 -8.84 0.16
CA MET A 142 -4.32 -10.26 -0.12
C MET A 142 -5.18 -10.34 -1.39
N VAL A 143 -5.56 -9.22 -2.02
CA VAL A 143 -6.08 -9.29 -3.42
C VAL A 143 -4.90 -9.72 -4.30
N SER A 144 -3.77 -9.01 -4.20
CA SER A 144 -2.50 -9.37 -4.90
C SER A 144 -2.07 -10.79 -4.52
N GLY A 145 -2.12 -11.12 -3.24
CA GLY A 145 -1.74 -12.45 -2.73
C GLY A 145 -2.59 -13.55 -3.34
N PHE A 146 -3.92 -13.49 -3.15
CA PHE A 146 -4.83 -14.58 -3.57
C PHE A 146 -4.85 -14.62 -5.11
N LEU A 147 -4.72 -13.48 -5.80
CA LEU A 147 -4.80 -13.53 -7.28
C LEU A 147 -3.59 -14.33 -7.76
N SER A 148 -2.41 -14.05 -7.18
N SER A 148 -2.42 -14.03 -7.20
CA SER A 148 -1.15 -14.72 -7.55
CA SER A 148 -1.13 -14.71 -7.50
C SER A 148 -1.23 -16.24 -7.30
C SER A 148 -1.27 -16.23 -7.33
N ILE A 149 -1.86 -16.66 -6.20
CA ILE A 149 -2.03 -18.11 -5.85
C ILE A 149 -2.98 -18.77 -6.85
N HIS A 150 -4.11 -18.14 -7.17
CA HIS A 150 -5.08 -18.67 -8.16
C HIS A 150 -4.50 -18.75 -9.58
N LEU A 151 -3.71 -17.75 -10.05
CA LEU A 151 -3.31 -17.68 -11.48
C LEU A 151 -1.85 -18.11 -11.69
N GLY A 152 -1.07 -18.31 -10.62
CA GLY A 152 0.35 -18.65 -10.64
C GLY A 152 1.23 -17.48 -11.10
N LEU A 153 0.92 -16.24 -10.65
CA LEU A 153 1.71 -15.04 -11.02
C LEU A 153 2.87 -14.89 -10.03
N GLN A 154 4.10 -14.95 -10.52
CA GLN A 154 5.30 -14.96 -9.65
C GLN A 154 6.11 -13.66 -9.78
N GLY A 155 5.63 -12.68 -10.55
CA GLY A 155 6.22 -11.33 -10.66
C GLY A 155 6.01 -10.48 -9.41
N PRO A 156 6.43 -9.20 -9.48
CA PRO A 156 6.23 -8.28 -8.36
C PRO A 156 4.78 -8.35 -7.83
N ASN A 157 4.68 -8.47 -6.53
CA ASN A 157 3.40 -8.76 -5.82
C ASN A 157 3.30 -7.76 -4.69
N TYR A 158 2.46 -6.75 -4.84
CA TYR A 158 2.34 -5.71 -3.80
C TYR A 158 0.98 -5.03 -3.86
N ALA A 159 0.78 -4.13 -2.92
CA ALA A 159 -0.46 -3.35 -2.79
C ALA A 159 -0.12 -1.96 -2.29
N LEU A 160 -0.73 -0.99 -2.93
CA LEU A 160 -0.73 0.43 -2.44
C LEU A 160 -1.97 0.64 -1.57
N THR A 161 -1.84 1.55 -0.63
CA THR A 161 -2.99 2.11 0.11
C THR A 161 -2.74 3.62 0.27
N THR A 162 -3.39 4.41 -0.57
CA THR A 162 -3.23 5.87 -0.62
C THR A 162 -4.64 6.44 -0.66
N ALA A 163 -5.51 5.88 0.18
CA ALA A 163 -6.87 6.41 0.39
C ALA A 163 -7.56 6.51 -0.99
N GLN A 164 -8.16 7.66 -1.30
CA GLN A 164 -8.97 7.84 -2.53
C GLN A 164 -8.08 7.92 -3.79
N THR A 165 -6.77 7.89 -3.67
CA THR A 165 -5.85 7.94 -4.83
C THR A 165 -5.37 6.53 -5.18
N THR A 166 -5.71 5.55 -4.35
CA THR A 166 -5.13 4.18 -4.44
C THR A 166 -5.17 3.60 -5.86
N GLY A 167 -6.32 3.62 -6.53
CA GLY A 167 -6.50 2.97 -7.84
C GLY A 167 -5.61 3.59 -8.91
N THR A 168 -5.45 4.90 -8.86
CA THR A 168 -4.64 5.67 -9.83
C THR A 168 -3.15 5.36 -9.59
N HIS A 169 -2.70 5.46 -8.35
CA HIS A 169 -1.30 5.12 -7.98
C HIS A 169 -1.00 3.68 -8.36
N SER A 170 -1.93 2.77 -8.07
CA SER A 170 -1.69 1.32 -8.32
C SER A 170 -1.40 1.11 -9.80
N ILE A 171 -2.23 1.68 -10.65
CA ILE A 171 -2.07 1.58 -12.11
C ILE A 171 -0.79 2.26 -12.57
N GLY A 172 -0.51 3.50 -12.13
CA GLY A 172 0.72 4.22 -12.49
C GLY A 172 1.99 3.49 -12.14
N MET A 173 2.10 3.02 -10.90
N MET A 173 2.11 3.00 -10.91
CA MET A 173 3.32 2.35 -10.38
CA MET A 173 3.36 2.36 -10.44
C MET A 173 3.48 0.99 -11.05
C MET A 173 3.50 0.96 -11.06
N ALA A 174 2.39 0.28 -11.34
CA ALA A 174 2.45 -1.00 -12.10
C ALA A 174 2.97 -0.70 -13.52
N ALA A 175 2.58 0.42 -14.12
CA ALA A 175 3.10 0.82 -15.45
C ALA A 175 4.60 1.11 -15.35
N ARG A 176 5.05 1.78 -14.28
CA ARG A 176 6.49 2.04 -14.08
C ARG A 176 7.24 0.71 -13.97
N ASN A 177 6.69 -0.26 -13.26
CA ASN A 177 7.31 -1.63 -13.15
C ASN A 177 7.62 -2.17 -14.54
N ILE A 178 6.67 -2.03 -15.44
CA ILE A 178 6.77 -2.59 -16.81
C ILE A 178 7.72 -1.71 -17.62
N ALA A 179 7.57 -0.39 -17.53
CA ALA A 179 8.40 0.60 -18.24
C ALA A 179 9.87 0.30 -17.96
N TYR A 180 10.22 0.06 -16.69
CA TYR A 180 11.61 -0.10 -16.20
C TYR A 180 12.11 -1.54 -16.31
N GLY A 181 11.29 -2.52 -16.74
CA GLY A 181 11.77 -3.91 -16.97
C GLY A 181 11.63 -4.82 -15.75
N GLU A 182 10.92 -4.43 -14.70
CA GLU A 182 10.76 -5.28 -13.49
C GLU A 182 9.70 -6.35 -13.78
N ALA A 183 8.81 -6.10 -14.75
CA ALA A 183 7.76 -7.01 -15.23
C ALA A 183 7.46 -6.70 -16.69
N ASP A 184 6.80 -7.65 -17.37
CA ASP A 184 6.26 -7.48 -18.72
C ASP A 184 4.75 -7.28 -18.66
N VAL A 185 4.12 -7.80 -17.60
CA VAL A 185 2.63 -7.74 -17.44
C VAL A 185 2.32 -7.47 -15.97
N MET A 186 1.32 -6.63 -15.70
CA MET A 186 0.88 -6.41 -14.33
C MET A 186 -0.65 -6.36 -14.35
N VAL A 187 -1.26 -6.99 -13.36
CA VAL A 187 -2.72 -6.76 -13.09
C VAL A 187 -2.78 -5.67 -12.03
N ALA A 188 -3.44 -4.56 -12.32
CA ALA A 188 -3.35 -3.41 -11.40
C ALA A 188 -4.70 -2.70 -11.33
N GLY A 189 -4.96 -2.15 -10.16
CA GLY A 189 -6.22 -1.43 -9.89
C GLY A 189 -6.49 -1.42 -8.41
N GLY A 190 -7.76 -1.48 -8.06
CA GLY A 190 -8.12 -1.41 -6.64
C GLY A 190 -9.52 -1.92 -6.38
N SER A 191 -9.81 -2.12 -5.09
CA SER A 191 -11.14 -2.61 -4.68
C SER A 191 -11.47 -2.03 -3.32
N GLU A 192 -12.76 -1.90 -3.07
CA GLU A 192 -13.19 -1.27 -1.81
C GLU A 192 -14.58 -1.77 -1.45
N MET A 193 -14.79 -2.05 -0.17
N MET A 193 -14.78 -2.04 -0.16
CA MET A 193 -16.15 -2.24 0.41
CA MET A 193 -16.10 -2.31 0.47
C MET A 193 -16.11 -1.74 1.85
C MET A 193 -16.06 -1.73 1.88
N ALA A 194 -16.38 -0.44 2.03
CA ALA A 194 -16.29 0.24 3.33
C ALA A 194 -17.70 0.49 3.87
N ALA A 195 -18.74 -0.03 3.22
CA ALA A 195 -20.14 0.17 3.67
C ALA A 195 -20.45 -0.80 4.80
N CYS A 196 -19.87 -0.54 5.95
CA CYS A 196 -20.26 -1.16 7.24
C CYS A 196 -20.49 -0.02 8.23
N GLY A 197 -20.94 -0.35 9.45
CA GLY A 197 -21.10 0.62 10.56
C GLY A 197 -19.91 1.53 10.70
N LEU A 198 -18.69 0.98 10.77
CA LEU A 198 -17.50 1.83 11.00
C LEU A 198 -17.27 2.75 9.81
N GLY A 199 -17.52 2.28 8.59
CA GLY A 199 -17.27 3.10 7.39
C GLY A 199 -18.27 4.24 7.30
N LEU A 200 -19.55 3.90 7.32
CA LEU A 200 -20.62 4.91 7.19
C LEU A 200 -20.58 5.83 8.40
N GLY A 201 -20.39 5.28 9.60
CA GLY A 201 -20.33 6.07 10.84
C GLY A 201 -19.07 6.92 10.87
N GLY A 202 -17.95 6.38 10.39
CA GLY A 202 -16.65 7.11 10.42
C GLY A 202 -16.63 8.27 9.45
N PHE A 203 -17.06 8.07 8.20
CA PHE A 203 -17.19 9.21 7.25
C PHE A 203 -18.30 10.16 7.71
N GLY A 204 -19.38 9.61 8.24
CA GLY A 204 -20.47 10.36 8.89
C GLY A 204 -19.97 11.27 10.00
N ALA A 205 -19.10 10.79 10.87
CA ALA A 205 -18.58 11.58 12.02
C ALA A 205 -17.76 12.77 11.50
N ALA A 206 -17.11 12.65 10.33
CA ALA A 206 -16.33 13.74 9.69
C ALA A 206 -17.27 14.69 8.92
N ARG A 207 -18.55 14.37 8.83
CA ARG A 207 -19.57 15.14 8.08
C ARG A 207 -19.14 15.30 6.61
N ALA A 208 -18.43 14.29 6.07
CA ALA A 208 -17.85 14.24 4.70
C ALA A 208 -18.89 13.77 3.69
N LEU A 209 -19.93 13.04 4.14
CA LEU A 209 -20.92 12.35 3.27
C LEU A 209 -22.12 13.23 3.00
N SER A 210 -22.66 13.17 1.77
CA SER A 210 -24.01 13.68 1.47
C SER A 210 -25.02 13.06 2.45
N THR A 211 -25.99 13.85 2.90
CA THR A 211 -27.09 13.36 3.77
C THR A 211 -28.43 13.49 3.05
N ARG A 212 -28.43 13.45 1.72
CA ARG A 212 -29.67 13.51 0.89
C ARG A 212 -30.38 12.15 0.88
N ASN A 213 -30.74 11.64 2.06
CA ASN A 213 -31.29 10.28 2.23
C ASN A 213 -32.59 10.12 1.46
N ASP A 214 -33.32 11.22 1.30
CA ASP A 214 -34.68 11.20 0.70
C ASP A 214 -34.58 11.28 -0.81
N GLU A 215 -33.37 11.43 -1.36
CA GLU A 215 -33.24 11.44 -2.85
C GLU A 215 -31.85 10.95 -3.22
N PRO A 216 -31.52 9.66 -2.98
CA PRO A 216 -30.14 9.19 -3.17
C PRO A 216 -29.58 9.35 -4.59
N THR A 217 -30.36 9.17 -5.66
CA THR A 217 -29.84 9.25 -7.05
C THR A 217 -29.39 10.69 -7.32
N ARG A 218 -29.86 11.69 -6.55
CA ARG A 218 -29.51 13.11 -6.81
C ARG A 218 -28.43 13.60 -5.85
N ALA A 219 -27.92 12.74 -4.96
CA ALA A 219 -26.99 13.08 -3.87
C ALA A 219 -25.63 13.54 -4.44
N SER A 220 -25.09 12.73 -5.35
CA SER A 220 -23.77 12.96 -6.00
C SER A 220 -23.98 13.95 -7.15
N ARG A 221 -23.48 15.16 -6.99
CA ARG A 221 -23.79 16.30 -7.89
C ARG A 221 -22.54 17.19 -7.98
N PRO A 222 -21.45 16.63 -8.56
CA PRO A 222 -20.18 17.33 -8.66
C PRO A 222 -20.36 18.70 -9.34
N TRP A 223 -19.82 19.74 -8.70
CA TRP A 223 -19.78 21.15 -9.17
C TRP A 223 -21.19 21.78 -9.08
N ASP A 224 -22.20 21.04 -8.62
CA ASP A 224 -23.56 21.62 -8.46
C ASP A 224 -23.56 22.50 -7.20
N ARG A 225 -24.24 23.66 -7.23
CA ARG A 225 -24.25 24.58 -6.05
C ARG A 225 -24.88 23.90 -4.82
N ASP A 226 -25.69 22.86 -5.01
CA ASP A 226 -26.42 22.23 -3.88
C ASP A 226 -25.75 20.92 -3.43
N ARG A 227 -24.50 20.65 -3.82
CA ARG A 227 -23.75 19.46 -3.34
C ARG A 227 -23.45 19.60 -1.85
N ASP A 228 -23.36 18.46 -1.16
CA ASP A 228 -23.22 18.43 0.31
C ASP A 228 -22.36 17.24 0.74
N GLY A 229 -21.43 16.78 -0.13
CA GLY A 229 -20.47 15.73 0.22
C GLY A 229 -20.55 14.49 -0.66
N PHE A 230 -19.63 13.58 -0.47
CA PHE A 230 -19.45 12.44 -1.40
C PHE A 230 -20.44 11.35 -1.00
N VAL A 231 -20.69 10.49 -1.97
CA VAL A 231 -21.53 9.27 -1.79
C VAL A 231 -20.60 8.07 -1.74
N LEU A 232 -20.74 7.26 -0.70
CA LEU A 232 -19.85 6.10 -0.48
C LEU A 232 -20.31 4.95 -1.40
N SER A 233 -19.38 4.41 -2.19
CA SER A 233 -19.66 3.32 -3.16
C SER A 233 -18.62 2.21 -3.08
N ASP A 234 -19.04 1.05 -3.56
CA ASP A 234 -18.30 -0.22 -3.42
C ASP A 234 -17.92 -0.73 -4.83
N GLY A 235 -16.87 -1.53 -4.92
CA GLY A 235 -16.62 -2.25 -6.17
C GLY A 235 -15.13 -2.39 -6.41
N SER A 236 -14.77 -2.53 -7.68
N SER A 236 -14.74 -2.60 -7.67
CA SER A 236 -13.38 -2.87 -8.10
CA SER A 236 -13.34 -2.87 -8.05
C SER A 236 -13.18 -2.52 -9.57
C SER A 236 -13.14 -2.64 -9.56
N GLY A 237 -11.95 -2.18 -9.93
CA GLY A 237 -11.50 -2.08 -11.32
C GLY A 237 -10.14 -2.77 -11.34
N ALA A 238 -9.89 -3.53 -12.39
CA ALA A 238 -8.57 -4.16 -12.65
C ALA A 238 -8.26 -3.95 -14.15
N LEU A 239 -7.01 -3.69 -14.46
CA LEU A 239 -6.54 -3.56 -15.84
C LEU A 239 -5.35 -4.49 -15.99
N VAL A 240 -5.26 -5.14 -17.14
CA VAL A 240 -4.01 -5.81 -17.54
C VAL A 240 -3.15 -4.76 -18.28
N LEU A 241 -2.02 -4.40 -17.69
CA LEU A 241 -1.00 -3.52 -18.29
C LEU A 241 0.04 -4.47 -18.90
N GLU A 242 0.54 -4.13 -20.09
CA GLU A 242 1.46 -5.01 -20.80
C GLU A 242 2.49 -4.17 -21.57
N GLU A 243 3.74 -4.62 -21.58
CA GLU A 243 4.76 -3.98 -22.41
C GLU A 243 4.28 -4.07 -23.86
N LEU A 244 4.46 -3.00 -24.63
CA LEU A 244 3.95 -2.85 -26.01
C LEU A 244 4.42 -4.01 -26.91
N GLU A 245 5.73 -4.28 -26.96
CA GLU A 245 6.30 -5.30 -27.90
C GLU A 245 5.82 -6.70 -27.47
N HIS A 246 5.67 -6.96 -26.17
CA HIS A 246 5.04 -8.20 -25.63
C HIS A 246 3.62 -8.32 -26.18
N ALA A 247 2.86 -7.22 -26.19
CA ALA A 247 1.44 -7.25 -26.60
C ALA A 247 1.38 -7.47 -28.12
N ARG A 248 2.25 -6.78 -28.86
CA ARG A 248 2.33 -6.86 -30.33
C ARG A 248 2.70 -8.29 -30.72
N ALA A 249 3.70 -8.85 -30.03
CA ALA A 249 4.24 -10.21 -30.31
C ALA A 249 3.12 -11.25 -30.23
N ARG A 250 2.20 -11.16 -29.26
CA ARG A 250 1.16 -12.21 -29.09
C ARG A 250 -0.15 -11.83 -29.83
N GLY A 251 -0.18 -10.73 -30.57
CA GLY A 251 -1.39 -10.30 -31.29
C GLY A 251 -2.48 -9.81 -30.34
N ALA A 252 -2.14 -9.23 -29.19
CA ALA A 252 -3.15 -8.77 -28.21
C ALA A 252 -4.01 -7.67 -28.84
N ARG A 253 -5.27 -7.62 -28.46
CA ARG A 253 -6.12 -6.43 -28.66
C ARG A 253 -5.63 -5.35 -27.70
N ILE A 254 -5.23 -4.21 -28.21
CA ILE A 254 -4.79 -3.07 -27.36
C ILE A 254 -5.92 -2.04 -27.28
N TYR A 255 -6.42 -1.77 -26.08
CA TYR A 255 -7.47 -0.73 -25.88
C TYR A 255 -6.89 0.68 -26.04
N ALA A 256 -5.71 0.95 -25.47
CA ALA A 256 -5.13 2.31 -25.36
C ALA A 256 -3.70 2.15 -24.84
N GLU A 257 -2.90 3.20 -24.97
CA GLU A 257 -1.55 3.25 -24.41
C GLU A 257 -1.62 4.12 -23.15
N LEU A 258 -0.94 3.69 -22.10
N LEU A 258 -0.90 3.71 -22.11
CA LEU A 258 -0.71 4.52 -20.88
CA LEU A 258 -0.69 4.50 -20.87
C LEU A 258 0.59 5.28 -21.07
C LEU A 258 0.61 5.29 -21.03
N VAL A 259 0.51 6.58 -21.36
CA VAL A 259 1.70 7.41 -21.75
C VAL A 259 2.25 8.27 -20.59
N GLY A 260 1.45 8.54 -19.57
CA GLY A 260 1.88 9.46 -18.49
C GLY A 260 1.34 9.10 -17.13
N PHE A 261 2.17 9.35 -16.13
CA PHE A 261 1.78 9.18 -14.72
C PHE A 261 2.44 10.27 -13.90
N GLY A 262 1.60 10.92 -13.09
CA GLY A 262 2.09 11.90 -12.13
C GLY A 262 1.61 11.58 -10.74
N MET A 263 2.46 11.92 -9.79
CA MET A 263 2.20 11.91 -8.35
C MET A 263 2.74 13.25 -7.85
N SER A 264 2.10 13.76 -6.83
CA SER A 264 2.56 14.94 -6.08
C SER A 264 1.86 14.86 -4.74
N GLY A 265 2.51 15.32 -3.67
CA GLY A 265 1.85 15.62 -2.40
C GLY A 265 1.52 17.09 -2.32
N ASP A 266 0.33 17.43 -1.83
CA ASP A 266 -0.13 18.81 -1.50
C ASP A 266 0.75 19.41 -0.40
N ALA A 267 1.02 18.59 0.61
CA ALA A 267 1.64 19.01 1.89
C ALA A 267 0.81 20.13 2.51
N PHE A 268 -0.52 20.07 2.37
CA PHE A 268 -1.44 21.15 2.80
C PHE A 268 -2.19 20.73 4.06
N HIS A 269 -3.00 19.68 3.99
CA HIS A 269 -3.96 19.34 5.07
C HIS A 269 -4.25 17.83 5.06
N MET A 270 -4.55 17.24 6.22
CA MET A 270 -4.80 15.79 6.37
C MET A 270 -5.92 15.35 5.44
N THR A 271 -6.98 16.16 5.31
CA THR A 271 -8.23 15.76 4.62
C THR A 271 -8.69 16.77 3.57
N ALA A 272 -8.38 18.06 3.72
CA ALA A 272 -8.93 19.13 2.85
C ALA A 272 -7.94 19.40 1.71
N PRO A 273 -8.39 19.53 0.47
CA PRO A 273 -7.51 19.96 -0.61
C PRO A 273 -7.36 21.47 -0.56
N PRO A 274 -6.22 22.05 -0.98
CA PRO A 274 -6.11 23.51 -1.07
C PRO A 274 -7.11 24.03 -2.11
N GLU A 275 -7.73 25.18 -1.84
CA GLU A 275 -8.80 25.78 -2.69
C GLU A 275 -8.28 26.08 -4.10
N ASP A 276 -6.99 26.41 -4.26
CA ASP A 276 -6.40 26.82 -5.55
C ASP A 276 -6.00 25.58 -6.39
N GLY A 277 -6.11 24.38 -5.83
CA GLY A 277 -5.79 23.14 -6.58
C GLY A 277 -4.30 23.01 -6.91
N ALA A 278 -3.41 23.59 -6.09
CA ALA A 278 -1.95 23.66 -6.36
C ALA A 278 -1.35 22.23 -6.49
N GLY A 279 -1.70 21.32 -5.59
CA GLY A 279 -1.12 19.95 -5.64
C GLY A 279 -1.59 19.18 -6.86
N ALA A 280 -2.87 19.26 -7.16
CA ALA A 280 -3.49 18.65 -8.37
C ALA A 280 -2.87 19.24 -9.65
N ALA A 281 -2.68 20.56 -9.68
CA ALA A 281 -2.00 21.23 -10.81
C ALA A 281 -0.56 20.67 -10.96
N ARG A 282 0.21 20.55 -9.88
CA ARG A 282 1.61 20.04 -9.97
C ARG A 282 1.56 18.60 -10.49
N CYS A 283 0.64 17.80 -9.95
CA CYS A 283 0.47 16.38 -10.35
C CYS A 283 0.16 16.28 -11.86
N MET A 284 -0.80 17.05 -12.36
CA MET A 284 -1.16 16.96 -13.80
C MET A 284 0.03 17.39 -14.66
N LYS A 285 0.73 18.45 -14.26
CA LYS A 285 1.89 18.94 -15.05
C LYS A 285 2.96 17.84 -15.09
N ASN A 286 3.24 17.19 -13.98
CA ASN A 286 4.18 16.04 -13.92
C ASN A 286 3.77 15.01 -14.97
N ALA A 287 2.47 14.66 -15.00
CA ALA A 287 1.90 13.59 -15.85
C ALA A 287 2.02 13.99 -17.33
N LEU A 288 1.76 15.24 -17.66
CA LEU A 288 1.76 15.70 -19.07
C LEU A 288 3.21 15.74 -19.57
N ARG A 289 4.15 16.17 -18.70
CA ARG A 289 5.59 16.21 -19.07
C ARG A 289 6.08 14.76 -19.23
N ASP A 290 5.65 13.85 -18.33
CA ASP A 290 5.95 12.40 -18.40
C ASP A 290 5.49 11.84 -19.76
N ALA A 291 4.34 12.29 -20.26
CA ALA A 291 3.74 11.79 -21.52
C ALA A 291 4.32 12.50 -22.76
N GLY A 292 5.23 13.48 -22.59
CA GLY A 292 5.80 14.25 -23.71
C GLY A 292 4.75 15.02 -24.48
N LEU A 293 3.75 15.60 -23.81
CA LEU A 293 2.57 16.20 -24.46
C LEU A 293 2.64 17.72 -24.33
N ASP A 294 2.07 18.38 -25.35
CA ASP A 294 1.48 19.73 -25.28
C ASP A 294 0.17 19.60 -24.50
N PRO A 295 -0.07 20.37 -23.41
CA PRO A 295 -1.34 20.30 -22.69
C PRO A 295 -2.55 20.45 -23.62
N ARG A 296 -2.42 21.18 -24.73
CA ARG A 296 -3.53 21.34 -25.69
C ARG A 296 -3.96 20.01 -26.32
N GLN A 297 -3.18 18.93 -26.20
CA GLN A 297 -3.53 17.61 -26.77
C GLN A 297 -4.63 16.98 -25.89
N VAL A 298 -4.81 17.42 -24.65
CA VAL A 298 -5.81 16.78 -23.74
C VAL A 298 -7.24 17.10 -24.22
N ASP A 299 -8.03 16.07 -24.54
CA ASP A 299 -9.42 16.22 -25.04
C ASP A 299 -10.42 15.95 -23.90
N TYR A 300 -10.13 15.01 -23.01
CA TYR A 300 -11.14 14.58 -22.00
C TYR A 300 -10.43 14.37 -20.66
N ILE A 301 -11.04 14.86 -19.59
CA ILE A 301 -10.56 14.62 -18.20
C ILE A 301 -11.67 13.93 -17.41
N ASN A 302 -11.41 12.71 -16.94
CA ASN A 302 -12.22 12.06 -15.88
C ASN A 302 -11.74 12.67 -14.56
N ALA A 303 -12.45 13.67 -14.07
CA ALA A 303 -12.13 14.37 -12.80
C ALA A 303 -12.22 13.39 -11.63
N HIS A 304 -11.60 13.73 -10.52
CA HIS A 304 -11.92 13.12 -9.22
C HIS A 304 -13.40 13.43 -8.92
N GLY A 305 -13.79 14.71 -8.95
CA GLY A 305 -15.22 15.11 -8.92
C GLY A 305 -16.01 14.41 -7.82
N THR A 306 -15.64 14.57 -6.56
CA THR A 306 -16.23 13.82 -5.42
C THR A 306 -17.61 14.36 -4.99
N SER A 307 -18.00 15.59 -5.37
CA SER A 307 -19.24 16.25 -4.89
C SER A 307 -19.04 16.80 -3.46
N THR A 308 -17.81 17.10 -3.09
CA THR A 308 -17.52 17.91 -1.89
C THR A 308 -17.44 19.36 -2.33
N PRO A 309 -17.86 20.29 -1.45
CA PRO A 309 -17.69 21.73 -1.72
C PRO A 309 -16.25 22.11 -2.10
N ALA A 310 -15.27 21.77 -1.27
CA ALA A 310 -13.89 22.25 -1.49
C ALA A 310 -13.18 21.45 -2.59
N GLY A 311 -13.39 20.13 -2.64
CA GLY A 311 -12.71 19.29 -3.65
C GLY A 311 -13.06 19.68 -5.08
N ASP A 312 -14.34 19.84 -5.38
CA ASP A 312 -14.85 20.10 -6.75
C ASP A 312 -14.27 21.45 -7.24
N ILE A 313 -14.27 22.48 -6.41
CA ILE A 313 -13.81 23.84 -6.85
C ILE A 313 -12.29 23.85 -7.02
N ALA A 314 -11.56 23.17 -6.13
CA ALA A 314 -10.09 23.00 -6.24
C ALA A 314 -9.73 22.42 -7.63
N GLU A 315 -10.50 21.46 -8.14
CA GLU A 315 -10.21 20.78 -9.43
C GLU A 315 -10.42 21.74 -10.60
N ILE A 316 -11.46 22.57 -10.52
CA ILE A 316 -11.67 23.59 -11.60
C ILE A 316 -10.42 24.48 -11.63
N ALA A 317 -10.03 24.99 -10.45
CA ALA A 317 -8.88 25.91 -10.33
C ALA A 317 -7.63 25.22 -10.90
N ALA A 318 -7.40 23.95 -10.58
CA ALA A 318 -6.20 23.23 -11.05
C ALA A 318 -6.24 23.10 -12.57
N VAL A 319 -7.41 22.78 -13.13
CA VAL A 319 -7.54 22.56 -14.60
C VAL A 319 -7.33 23.90 -15.34
N LYS A 320 -7.91 24.99 -14.86
CA LYS A 320 -7.67 26.35 -15.46
C LYS A 320 -6.17 26.71 -15.39
N SER A 321 -5.52 26.42 -14.27
CA SER A 321 -4.09 26.74 -14.04
C SER A 321 -3.24 25.95 -15.05
N VAL A 322 -3.49 24.65 -15.20
CA VAL A 322 -2.65 23.77 -16.07
C VAL A 322 -2.95 24.07 -17.54
N PHE A 323 -4.21 24.27 -17.90
CA PHE A 323 -4.61 24.26 -19.32
C PHE A 323 -4.83 25.67 -19.88
N GLY A 324 -4.93 26.69 -19.03
CA GLY A 324 -5.14 28.07 -19.53
C GLY A 324 -6.35 28.11 -20.45
N GLU A 325 -6.23 28.73 -21.62
CA GLU A 325 -7.40 28.91 -22.51
C GLU A 325 -7.92 27.55 -23.02
N HIS A 326 -7.05 26.55 -23.16
CA HIS A 326 -7.46 25.18 -23.58
C HIS A 326 -8.42 24.56 -22.55
N ALA A 327 -8.46 25.05 -21.32
CA ALA A 327 -9.41 24.56 -20.30
C ALA A 327 -10.85 24.67 -20.84
N HIS A 328 -11.10 25.61 -21.76
CA HIS A 328 -12.45 25.86 -22.32
C HIS A 328 -12.70 24.96 -23.54
N ALA A 329 -11.75 24.16 -24.00
CA ALA A 329 -11.91 23.37 -25.25
C ALA A 329 -12.05 21.88 -24.91
N LEU A 330 -11.33 21.40 -23.88
CA LEU A 330 -11.46 20.00 -23.43
C LEU A 330 -12.85 19.80 -22.80
N SER A 331 -13.19 18.54 -22.52
CA SER A 331 -14.41 18.14 -21.76
C SER A 331 -13.95 17.47 -20.47
N MET A 332 -14.52 17.84 -19.34
CA MET A 332 -14.20 17.24 -18.04
C MET A 332 -15.50 16.74 -17.44
N SER A 333 -15.54 15.49 -16.97
CA SER A 333 -16.76 15.01 -16.30
C SER A 333 -16.39 14.19 -15.09
N SER A 334 -17.34 14.11 -14.16
CA SER A 334 -17.24 13.22 -13.00
C SER A 334 -18.24 12.07 -13.18
N THR A 335 -17.72 10.87 -13.37
CA THR A 335 -18.55 9.63 -13.39
C THR A 335 -18.99 9.29 -11.97
N LYS A 336 -18.42 9.92 -10.93
CA LYS A 336 -18.91 9.77 -9.54
C LYS A 336 -20.35 10.32 -9.41
N SER A 337 -20.76 11.22 -10.31
CA SER A 337 -22.17 11.64 -10.45
C SER A 337 -23.12 10.43 -10.50
N MET A 338 -22.68 9.32 -11.11
CA MET A 338 -23.49 8.09 -11.32
C MET A 338 -23.04 6.94 -10.40
N THR A 339 -21.72 6.74 -10.19
CA THR A 339 -21.19 5.57 -9.45
C THR A 339 -21.05 5.86 -7.96
N GLY A 340 -21.04 7.14 -7.58
CA GLY A 340 -20.51 7.61 -6.31
C GLY A 340 -19.02 7.33 -6.23
N HIS A 341 -18.50 7.41 -5.04
CA HIS A 341 -17.05 7.44 -4.72
C HIS A 341 -16.61 6.09 -4.19
N LEU A 342 -15.91 5.32 -5.04
CA LEU A 342 -15.45 3.96 -4.70
C LEU A 342 -14.11 4.01 -3.96
N LEU A 343 -13.72 5.20 -3.51
CA LEU A 343 -12.55 5.37 -2.61
C LEU A 343 -11.33 4.75 -3.31
N GLY A 344 -10.67 3.77 -2.69
CA GLY A 344 -9.46 3.16 -3.28
C GLY A 344 -9.71 2.53 -4.66
N ALA A 345 -10.96 2.22 -5.00
CA ALA A 345 -11.30 1.66 -6.32
C ALA A 345 -11.69 2.76 -7.31
N ALA A 346 -11.96 3.99 -6.87
CA ALA A 346 -12.38 5.11 -7.76
C ALA A 346 -11.41 5.26 -8.94
N GLY A 347 -10.11 5.27 -8.67
CA GLY A 347 -9.15 5.57 -9.75
C GLY A 347 -9.07 4.39 -10.72
N ALA A 348 -9.40 3.20 -10.24
CA ALA A 348 -9.35 1.98 -11.08
C ALA A 348 -10.55 1.97 -12.04
N VAL A 349 -11.76 2.19 -11.56
CA VAL A 349 -12.95 2.17 -12.46
C VAL A 349 -12.87 3.38 -13.41
N GLU A 350 -12.39 4.52 -12.93
CA GLU A 350 -12.29 5.76 -13.73
C GLU A 350 -11.21 5.65 -14.79
N ALA A 351 -10.12 4.93 -14.52
CA ALA A 351 -9.11 4.63 -15.57
C ALA A 351 -9.80 3.82 -16.68
N ILE A 352 -10.64 2.86 -16.28
CA ILE A 352 -11.38 2.02 -17.27
C ILE A 352 -12.33 2.93 -18.06
N PHE A 353 -13.04 3.85 -17.40
CA PHE A 353 -13.99 4.74 -18.09
C PHE A 353 -13.23 5.65 -19.07
N SER A 354 -12.03 6.09 -18.70
CA SER A 354 -11.16 6.97 -19.53
C SER A 354 -10.72 6.21 -20.79
N VAL A 355 -10.31 4.94 -20.65
CA VAL A 355 -9.95 4.06 -21.79
C VAL A 355 -11.17 3.89 -22.70
N LEU A 356 -12.36 3.65 -22.13
CA LEU A 356 -13.59 3.45 -22.94
C LEU A 356 -14.00 4.77 -23.61
N ALA A 357 -13.78 5.92 -22.98
CA ALA A 357 -14.01 7.23 -23.61
C ALA A 357 -13.13 7.31 -24.89
N LEU A 358 -11.90 6.81 -24.83
CA LEU A 358 -11.02 6.77 -26.03
C LEU A 358 -11.57 5.77 -27.06
N ARG A 359 -11.96 4.57 -26.64
CA ARG A 359 -12.44 3.51 -27.58
C ARG A 359 -13.68 4.01 -28.32
N ASP A 360 -14.62 4.65 -27.61
CA ASP A 360 -15.97 4.96 -28.16
C ASP A 360 -16.07 6.42 -28.58
N GLN A 361 -15.05 7.24 -28.32
CA GLN A 361 -15.05 8.68 -28.69
C GLN A 361 -16.28 9.39 -28.11
N VAL A 362 -16.42 9.29 -26.79
CA VAL A 362 -17.58 9.91 -26.10
C VAL A 362 -17.10 10.28 -24.70
N ALA A 363 -17.46 11.48 -24.26
CA ALA A 363 -17.26 11.97 -22.89
C ALA A 363 -18.50 11.57 -22.10
N PRO A 364 -18.33 10.73 -21.06
CA PRO A 364 -19.42 10.42 -20.14
C PRO A 364 -19.96 11.69 -19.49
N PRO A 365 -21.26 11.73 -19.13
CA PRO A 365 -21.83 12.93 -18.52
C PRO A 365 -21.47 13.08 -17.03
N THR A 366 -21.57 14.32 -16.56
CA THR A 366 -21.74 14.61 -15.11
C THR A 366 -23.24 14.75 -14.91
N ILE A 367 -23.92 13.71 -14.43
CA ILE A 367 -25.37 13.88 -14.12
C ILE A 367 -25.54 14.79 -12.91
N ASN A 368 -26.76 15.30 -12.75
CA ASN A 368 -27.20 16.10 -11.58
C ASN A 368 -26.61 17.51 -11.58
N LEU A 369 -25.92 17.93 -12.65
CA LEU A 369 -25.29 19.28 -12.67
C LEU A 369 -26.33 20.29 -13.19
N ASP A 370 -27.26 20.62 -12.32
CA ASP A 370 -28.44 21.46 -12.60
C ASP A 370 -27.99 22.92 -12.56
N ASN A 371 -27.22 23.30 -11.54
CA ASN A 371 -26.80 24.71 -11.32
C ASN A 371 -25.31 24.72 -11.02
N PRO A 372 -24.45 24.82 -12.05
CA PRO A 372 -23.02 24.88 -11.82
C PRO A 372 -22.65 25.99 -10.82
N ASP A 373 -21.75 25.68 -9.88
CA ASP A 373 -21.39 26.64 -8.81
C ASP A 373 -20.53 27.78 -9.38
N GLU A 374 -20.27 28.80 -8.58
CA GLU A 374 -19.42 29.96 -8.97
C GLU A 374 -18.09 29.41 -9.49
N GLY A 375 -17.72 29.81 -10.71
CA GLY A 375 -16.42 29.51 -11.35
C GLY A 375 -16.39 28.16 -12.03
N CYS A 376 -17.46 27.34 -11.92
CA CYS A 376 -17.53 25.98 -12.54
C CYS A 376 -18.13 26.14 -13.93
N ASP A 377 -17.40 26.80 -14.83
CA ASP A 377 -17.90 27.30 -16.14
C ASP A 377 -17.15 26.62 -17.29
N LEU A 378 -16.52 25.48 -17.06
CA LEU A 378 -15.89 24.66 -18.12
C LEU A 378 -16.96 23.81 -18.78
N ASP A 379 -16.59 23.09 -19.84
CA ASP A 379 -17.44 22.01 -20.38
C ASP A 379 -17.36 20.81 -19.41
N LEU A 380 -18.36 20.66 -18.54
CA LEU A 380 -18.47 19.58 -17.53
C LEU A 380 -19.44 18.48 -17.98
N VAL A 381 -19.81 18.49 -19.27
CA VAL A 381 -20.62 17.45 -19.93
C VAL A 381 -21.89 17.22 -19.08
N ALA A 382 -22.54 18.28 -18.67
CA ALA A 382 -23.77 18.24 -17.83
C ALA A 382 -24.84 17.33 -18.46
N HIS A 383 -25.39 16.41 -17.68
CA HIS A 383 -26.66 15.68 -17.94
C HIS A 383 -26.51 14.53 -18.94
N GLU A 384 -25.89 14.74 -20.10
CA GLU A 384 -25.91 13.78 -21.24
C GLU A 384 -24.50 13.56 -21.82
N ALA A 385 -24.24 12.32 -22.23
CA ALA A 385 -22.96 11.89 -22.83
C ALA A 385 -22.73 12.76 -24.07
N LYS A 386 -21.47 13.12 -24.33
CA LYS A 386 -21.12 14.02 -25.46
C LYS A 386 -20.14 13.30 -26.38
N PRO A 387 -20.62 12.78 -27.54
CA PRO A 387 -19.73 12.24 -28.56
C PRO A 387 -18.74 13.35 -29.00
N ARG A 388 -17.45 13.04 -29.11
CA ARG A 388 -16.43 14.06 -29.46
C ARG A 388 -15.13 13.32 -29.78
N LYS A 389 -14.22 14.05 -30.44
CA LYS A 389 -12.84 13.61 -30.69
C LYS A 389 -12.08 13.57 -29.35
N ILE A 390 -11.53 12.41 -29.03
CA ILE A 390 -10.69 12.19 -27.83
C ILE A 390 -9.46 11.40 -28.27
N ASP A 391 -8.33 12.08 -28.41
CA ASP A 391 -7.05 11.39 -28.65
C ASP A 391 -6.35 11.15 -27.30
N VAL A 392 -6.48 12.08 -26.37
CA VAL A 392 -5.78 12.01 -25.05
C VAL A 392 -6.82 12.19 -23.94
N ALA A 393 -6.80 11.28 -22.98
CA ALA A 393 -7.71 11.29 -21.82
C ALA A 393 -6.84 11.25 -20.56
N LEU A 394 -7.22 12.07 -19.58
N LEU A 394 -7.13 12.16 -19.63
CA LEU A 394 -6.54 12.20 -18.28
CA LEU A 394 -6.58 12.19 -18.25
C LEU A 394 -7.52 11.77 -17.17
C LEU A 394 -7.57 11.56 -17.29
N SER A 395 -7.07 10.97 -16.21
CA SER A 395 -7.87 10.52 -15.05
C SER A 395 -7.17 11.01 -13.79
N ASN A 396 -7.85 11.82 -12.98
CA ASN A 396 -7.27 12.41 -11.75
C ASN A 396 -7.86 11.77 -10.49
N SER A 397 -7.04 11.66 -9.46
CA SER A 397 -7.47 11.23 -8.12
C SER A 397 -6.70 12.10 -7.13
N PHE A 398 -7.35 12.39 -6.00
N PHE A 398 -7.33 12.43 -6.00
CA PHE A 398 -6.80 13.14 -4.83
CA PHE A 398 -6.66 13.08 -4.84
C PHE A 398 -7.27 12.40 -3.58
C PHE A 398 -7.29 12.53 -3.55
N GLY A 399 -6.47 12.41 -2.51
CA GLY A 399 -6.87 11.70 -1.29
C GLY A 399 -6.41 12.35 -0.03
N PHE A 400 -6.91 11.82 1.07
CA PHE A 400 -6.40 12.13 2.42
C PHE A 400 -4.88 12.03 2.39
N GLY A 401 -4.25 12.93 3.12
CA GLY A 401 -2.79 13.04 3.21
C GLY A 401 -2.22 13.95 2.14
N GLY A 402 -3.09 14.60 1.39
CA GLY A 402 -2.72 15.47 0.25
C GLY A 402 -2.06 14.68 -0.87
N THR A 403 -2.50 13.44 -1.09
N THR A 403 -2.47 13.42 -0.99
CA THR A 403 -1.87 12.53 -2.06
CA THR A 403 -2.02 12.50 -2.05
C THR A 403 -2.62 12.58 -3.40
C THR A 403 -2.64 12.98 -3.37
N ASN A 404 -1.90 12.88 -4.48
CA ASN A 404 -2.45 13.16 -5.83
C ASN A 404 -1.93 12.13 -6.84
N GLY A 405 -2.76 11.74 -7.79
CA GLY A 405 -2.30 10.93 -8.94
C GLY A 405 -2.99 11.34 -10.21
N THR A 406 -2.27 11.31 -11.32
CA THR A 406 -2.85 11.55 -12.64
C THR A 406 -2.37 10.43 -13.57
N LEU A 407 -3.27 9.89 -14.37
CA LEU A 407 -2.95 8.98 -15.48
C LEU A 407 -3.33 9.64 -16.81
N VAL A 408 -2.45 9.47 -17.79
CA VAL A 408 -2.62 9.96 -19.17
C VAL A 408 -2.62 8.77 -20.11
N PHE A 409 -3.75 8.62 -20.81
CA PHE A 409 -4.01 7.55 -21.78
C PHE A 409 -4.15 8.23 -23.16
N ARG A 410 -3.79 7.53 -24.20
CA ARG A 410 -4.02 7.94 -25.61
C ARG A 410 -4.36 6.76 -26.49
N ARG A 411 -5.07 7.05 -27.57
CA ARG A 411 -5.40 6.08 -28.62
C ARG A 411 -4.11 5.44 -29.11
N PHE A 412 -4.14 4.15 -29.36
CA PHE A 412 -3.02 3.40 -29.97
C PHE A 412 -3.48 2.91 -31.35
N ALA A 413 -2.76 3.29 -32.42
CA ALA A 413 -3.08 2.97 -33.83
C ALA A 413 -2.11 1.90 -34.35
N SER B 2 20.40 3.95 -18.30
CA SER B 2 21.20 3.97 -17.06
C SER B 2 20.32 4.37 -15.85
N ARG B 3 20.93 4.59 -14.69
CA ARG B 3 20.25 4.61 -13.36
C ARG B 3 21.10 5.39 -12.36
N ARG B 4 20.51 6.15 -11.45
CA ARG B 4 21.34 6.88 -10.45
C ARG B 4 21.59 5.98 -9.23
N ARG B 5 22.63 6.32 -8.49
CA ARG B 5 22.99 5.58 -7.28
C ARG B 5 22.23 6.16 -6.09
N VAL B 6 21.90 5.28 -5.14
CA VAL B 6 21.08 5.60 -3.93
C VAL B 6 21.87 5.21 -2.69
N VAL B 7 21.98 6.17 -1.78
CA VAL B 7 22.68 5.99 -0.50
C VAL B 7 21.74 6.30 0.67
N ILE B 8 22.10 5.78 1.84
CA ILE B 8 21.35 5.97 3.10
C ILE B 8 22.08 7.05 3.90
N THR B 9 21.40 8.15 4.20
CA THR B 9 22.02 9.31 4.90
C THR B 9 21.37 9.59 6.24
N GLY B 10 20.27 8.91 6.58
CA GLY B 10 19.54 9.13 7.84
C GLY B 10 18.73 7.90 8.24
N MET B 11 18.73 7.56 9.52
CA MET B 11 17.91 6.43 10.01
C MET B 11 17.23 6.81 11.33
N GLY B 12 16.08 6.19 11.57
CA GLY B 12 15.22 6.44 12.74
C GLY B 12 14.45 5.19 13.11
N MET B 13 14.19 4.99 14.38
CA MET B 13 13.59 3.70 14.84
C MET B 13 12.90 3.87 16.20
N LEU B 14 11.78 3.15 16.37
CA LEU B 14 11.23 2.74 17.67
C LEU B 14 11.21 1.21 17.65
N SER B 15 11.71 0.53 18.66
CA SER B 15 11.65 -0.94 18.68
C SER B 15 11.46 -1.39 20.12
N PRO B 16 11.24 -2.70 20.30
CA PRO B 16 11.20 -3.29 21.63
C PRO B 16 12.53 -3.15 22.39
N LEU B 17 13.63 -2.82 21.70
CA LEU B 17 14.97 -2.67 22.32
C LEU B 17 15.27 -1.22 22.67
N GLY B 18 14.51 -0.25 22.15
CA GLY B 18 14.90 1.15 22.36
C GLY B 18 14.08 2.16 21.58
N LEU B 19 14.20 3.42 21.99
CA LEU B 19 13.42 4.54 21.43
C LEU B 19 14.23 5.22 20.31
N ASP B 20 15.35 4.66 19.87
CA ASP B 20 16.10 5.24 18.73
C ASP B 20 17.01 4.15 18.16
N VAL B 21 17.78 4.49 17.15
CA VAL B 21 18.66 3.50 16.46
C VAL B 21 19.79 3.08 17.39
N PRO B 22 20.61 4.00 17.95
CA PRO B 22 21.77 3.59 18.71
C PRO B 22 21.40 2.73 19.92
N SER B 23 20.34 3.05 20.66
CA SER B 23 19.87 2.21 21.80
C SER B 23 19.42 0.83 21.31
N SER B 24 18.61 0.77 20.25
CA SER B 24 18.18 -0.52 19.66
C SER B 24 19.41 -1.35 19.28
N TRP B 25 20.37 -0.75 18.57
CA TRP B 25 21.55 -1.45 18.02
C TRP B 25 22.44 -1.96 19.15
N GLU B 26 22.56 -1.20 20.22
CA GLU B 26 23.27 -1.64 21.45
C GLU B 26 22.62 -2.91 21.98
N GLY B 27 21.28 -2.97 22.07
CA GLY B 27 20.58 -4.22 22.47
C GLY B 27 20.89 -5.37 21.55
N ILE B 28 20.86 -5.12 20.24
CA ILE B 28 21.07 -6.13 19.18
C ILE B 28 22.44 -6.77 19.41
N LEU B 29 23.47 -5.95 19.55
CA LEU B 29 24.86 -6.48 19.59
C LEU B 29 25.11 -7.17 20.93
N ALA B 30 24.39 -6.78 21.99
CA ALA B 30 24.46 -7.44 23.33
C ALA B 30 23.57 -8.68 23.43
N GLY B 31 22.76 -9.03 22.43
CA GLY B 31 21.91 -10.23 22.49
C GLY B 31 20.73 -10.05 23.43
N ARG B 32 20.32 -8.83 23.69
CA ARG B 32 19.23 -8.54 24.65
C ARG B 32 17.87 -8.79 23.96
N SER B 33 16.93 -9.34 24.68
CA SER B 33 15.50 -9.52 24.27
C SER B 33 14.70 -8.26 24.66
N GLY B 34 13.82 -7.83 23.78
CA GLY B 34 12.83 -6.78 24.03
C GLY B 34 11.48 -7.38 24.36
N ILE B 35 11.38 -8.72 24.57
CA ILE B 35 10.06 -9.41 24.71
C ILE B 35 9.68 -9.56 26.19
N ALA B 36 8.42 -9.28 26.49
CA ALA B 36 7.91 -9.27 27.87
C ALA B 36 6.39 -9.46 27.82
N PRO B 37 5.80 -9.85 28.96
CA PRO B 37 4.35 -9.85 29.10
C PRO B 37 3.80 -8.46 28.79
N ILE B 38 2.71 -8.45 28.04
CA ILE B 38 2.06 -7.20 27.59
C ILE B 38 1.32 -6.60 28.79
N GLU B 39 1.51 -5.31 29.03
CA GLU B 39 0.94 -4.65 30.23
C GLU B 39 -0.29 -3.84 29.83
N HIS B 40 -1.10 -3.45 30.82
CA HIS B 40 -2.24 -2.50 30.66
C HIS B 40 -3.21 -3.07 29.63
N MET B 41 -3.66 -4.31 29.87
CA MET B 41 -4.47 -5.10 28.92
C MET B 41 -4.74 -6.47 29.54
N ASP B 42 -6.00 -6.86 29.69
CA ASP B 42 -6.36 -8.16 30.29
C ASP B 42 -6.26 -9.25 29.20
N LEU B 43 -5.16 -9.99 29.17
CA LEU B 43 -4.93 -11.06 28.16
C LEU B 43 -5.26 -12.43 28.77
N SER B 44 -6.01 -12.50 29.87
CA SER B 44 -6.41 -13.78 30.54
C SER B 44 -6.93 -14.80 29.54
N ALA B 45 -7.79 -14.40 28.61
CA ALA B 45 -8.50 -15.34 27.71
C ALA B 45 -7.68 -15.64 26.46
N TYR B 46 -6.48 -15.08 26.34
CA TYR B 46 -5.62 -15.21 25.13
C TYR B 46 -4.60 -16.32 25.36
N SER B 47 -4.18 -17.00 24.31
CA SER B 47 -3.17 -18.10 24.37
C SER B 47 -1.73 -17.54 24.36
N THR B 48 -1.56 -16.26 23.99
CA THR B 48 -0.25 -15.54 24.00
C THR B 48 -0.47 -14.27 24.83
N ARG B 49 0.38 -14.02 25.82
CA ARG B 49 0.21 -12.89 26.77
C ARG B 49 1.46 -11.99 26.76
N PHE B 50 2.32 -12.17 25.76
CA PHE B 50 3.62 -11.47 25.69
C PHE B 50 3.86 -11.01 24.24
N GLY B 51 4.87 -10.19 24.07
CA GLY B 51 5.25 -9.59 22.78
C GLY B 51 6.32 -8.53 22.97
N GLY B 52 6.67 -7.87 21.87
CA GLY B 52 7.67 -6.79 21.89
C GLY B 52 6.95 -5.45 21.90
N SER B 53 6.83 -4.82 23.07
CA SER B 53 6.17 -3.49 23.17
C SER B 53 7.21 -2.39 23.03
N VAL B 54 6.84 -1.22 22.53
CA VAL B 54 7.70 -0.01 22.64
C VAL B 54 7.52 0.55 24.06
N LYS B 55 8.59 0.69 24.81
CA LYS B 55 8.56 1.08 26.24
C LYS B 55 8.99 2.54 26.40
N GLY B 56 8.10 3.33 27.01
CA GLY B 56 8.37 4.72 27.43
C GLY B 56 8.31 5.74 26.28
N PHE B 57 7.60 5.43 25.20
CA PHE B 57 7.48 6.34 24.04
C PHE B 57 6.73 7.60 24.47
N ASN B 58 7.33 8.77 24.22
CA ASN B 58 6.74 10.09 24.50
C ASN B 58 6.46 10.79 23.17
N VAL B 59 5.21 10.70 22.70
CA VAL B 59 4.80 11.29 21.41
C VAL B 59 4.97 12.81 21.45
N GLU B 60 4.90 13.43 22.63
CA GLU B 60 5.01 14.91 22.79
C GLU B 60 6.43 15.42 22.47
N GLU B 61 7.43 14.55 22.29
CA GLU B 61 8.72 14.97 21.70
C GLU B 61 8.51 15.33 20.21
N TYR B 62 7.43 14.89 19.60
CA TYR B 62 7.22 14.94 18.14
C TYR B 62 6.02 15.80 17.77
N LEU B 63 4.93 15.62 18.51
CA LEU B 63 3.62 16.23 18.19
C LEU B 63 3.06 16.89 19.44
N SER B 64 2.16 17.86 19.26
CA SER B 64 1.31 18.33 20.38
C SER B 64 0.38 17.20 20.85
N ALA B 65 -0.09 17.23 22.09
CA ALA B 65 -1.03 16.21 22.61
C ALA B 65 -2.25 16.21 21.68
N LYS B 66 -2.63 17.38 21.22
CA LYS B 66 -3.88 17.52 20.44
C LYS B 66 -3.74 16.82 19.07
N GLU B 67 -2.62 17.00 18.38
N GLU B 67 -2.61 17.08 18.38
CA GLU B 67 -2.39 16.32 17.08
CA GLU B 67 -2.17 16.39 17.14
C GLU B 67 -2.20 14.81 17.32
C GLU B 67 -2.22 14.88 17.35
N ALA B 68 -1.55 14.41 18.42
CA ALA B 68 -1.34 12.99 18.73
C ALA B 68 -2.66 12.26 19.00
N ARG B 69 -3.65 12.93 19.63
CA ARG B 69 -4.97 12.31 19.94
C ARG B 69 -5.71 11.95 18.65
N LYS B 70 -5.33 12.52 17.53
CA LYS B 70 -6.03 12.31 16.24
C LYS B 70 -5.47 11.05 15.55
N LEU B 71 -4.33 10.50 16.02
CA LEU B 71 -3.53 9.51 15.24
C LEU B 71 -3.43 8.20 16.02
N ASP B 72 -3.65 7.08 15.33
CA ASP B 72 -3.38 5.72 15.86
C ASP B 72 -1.92 5.65 16.29
N LEU B 73 -1.62 4.77 17.24
CA LEU B 73 -0.23 4.49 17.66
C LEU B 73 0.65 4.14 16.46
N PHE B 74 0.20 3.38 15.45
CA PHE B 74 1.13 2.99 14.35
C PHE B 74 1.56 4.23 13.57
N ILE B 75 0.70 5.23 13.45
CA ILE B 75 1.03 6.55 12.80
C ILE B 75 2.00 7.32 13.68
N GLN B 76 1.74 7.37 14.98
CA GLN B 76 2.65 8.06 15.91
C GLN B 76 4.03 7.44 15.76
N TYR B 77 4.12 6.11 15.73
CA TYR B 77 5.43 5.41 15.71
C TYR B 77 6.13 5.69 14.38
N GLY B 78 5.37 5.63 13.28
CA GLY B 78 5.95 5.94 11.96
C GLY B 78 6.47 7.38 11.88
N LEU B 79 5.73 8.34 12.40
CA LEU B 79 6.17 9.76 12.41
C LEU B 79 7.42 9.92 13.27
N ALA B 80 7.48 9.29 14.43
CA ALA B 80 8.69 9.36 15.29
C ALA B 80 9.92 8.87 14.52
N ALA B 81 9.86 7.68 13.91
CA ALA B 81 10.99 7.13 13.14
C ALA B 81 11.34 8.08 11.99
N SER B 82 10.35 8.62 11.27
CA SER B 82 10.54 9.52 10.11
C SER B 82 11.22 10.83 10.53
N PHE B 83 10.73 11.46 11.61
CA PHE B 83 11.36 12.70 12.14
C PHE B 83 12.80 12.40 12.58
N GLN B 84 13.02 11.26 13.25
CA GLN B 84 14.39 10.88 13.66
C GLN B 84 15.28 10.79 12.42
N ALA B 85 14.81 10.11 11.38
CA ALA B 85 15.62 9.80 10.18
C ALA B 85 15.98 11.13 9.46
N VAL B 86 15.02 12.02 9.35
CA VAL B 86 15.24 13.32 8.64
C VAL B 86 16.22 14.17 9.46
N ARG B 87 16.06 14.25 10.80
CA ARG B 87 17.05 14.93 11.68
C ARG B 87 18.42 14.29 11.48
N ASP B 88 18.50 12.96 11.51
CA ASP B 88 19.80 12.21 11.42
C ASP B 88 20.48 12.55 10.08
N SER B 89 19.71 12.84 9.03
CA SER B 89 20.26 13.07 7.67
C SER B 89 20.85 14.49 7.51
N GLY B 90 20.42 15.43 8.35
CA GLY B 90 20.83 16.84 8.26
C GLY B 90 20.19 17.55 7.09
N LEU B 91 19.26 16.92 6.37
CA LEU B 91 18.69 17.50 5.14
C LEU B 91 17.93 18.79 5.49
N GLU B 92 18.12 19.82 4.67
CA GLU B 92 17.39 21.11 4.78
C GLU B 92 16.40 21.14 3.62
N VAL B 93 15.12 21.13 3.96
CA VAL B 93 14.04 21.21 2.94
C VAL B 93 13.86 22.68 2.57
N THR B 94 13.81 22.99 1.27
CA THR B 94 13.69 24.37 0.74
C THR B 94 12.66 24.42 -0.37
N ASP B 95 12.28 25.63 -0.75
CA ASP B 95 11.45 25.83 -1.96
C ASP B 95 12.17 25.25 -3.18
N ALA B 96 13.50 25.22 -3.22
CA ALA B 96 14.27 24.73 -4.39
C ALA B 96 14.24 23.19 -4.46
N ASN B 97 13.93 22.46 -3.39
CA ASN B 97 14.04 20.97 -3.44
C ASN B 97 12.78 20.27 -2.96
N ARG B 98 11.77 20.98 -2.46
CA ARG B 98 10.65 20.27 -1.77
C ARG B 98 9.88 19.36 -2.76
N GLU B 99 9.83 19.69 -4.04
CA GLU B 99 9.11 18.86 -5.04
C GLU B 99 9.94 17.60 -5.34
N ARG B 100 11.17 17.50 -4.85
CA ARG B 100 12.08 16.37 -5.13
C ARG B 100 12.21 15.45 -3.93
N ILE B 101 11.44 15.71 -2.86
CA ILE B 101 11.51 14.97 -1.58
C ILE B 101 10.15 14.36 -1.31
N GLY B 102 10.10 13.03 -1.22
CA GLY B 102 8.85 12.28 -1.04
C GLY B 102 8.92 11.33 0.11
N VAL B 103 7.84 10.56 0.29
N VAL B 103 7.90 10.49 0.26
CA VAL B 103 7.66 9.64 1.44
CA VAL B 103 7.75 9.65 1.47
C VAL B 103 6.98 8.36 0.95
C VAL B 103 6.91 8.41 1.12
N SER B 104 7.43 7.23 1.49
CA SER B 104 6.73 5.94 1.36
C SER B 104 6.95 5.21 2.67
N MET B 105 6.09 5.51 3.64
CA MET B 105 6.02 4.80 4.93
C MET B 105 4.77 3.92 4.91
N GLY B 106 4.94 2.64 5.22
CA GLY B 106 3.83 1.68 5.12
C GLY B 106 3.54 1.01 6.44
N SER B 107 2.55 0.16 6.40
CA SER B 107 2.13 -0.69 7.53
C SER B 107 1.47 -1.95 6.97
N GLY B 108 1.60 -3.06 7.69
CA GLY B 108 1.00 -4.35 7.32
C GLY B 108 -0.46 -4.39 7.67
N ILE B 109 -0.82 -3.88 8.86
CA ILE B 109 -2.19 -4.01 9.41
C ILE B 109 -2.81 -2.67 9.76
N GLY B 110 -2.03 -1.61 9.99
CA GLY B 110 -2.58 -0.26 10.17
C GLY B 110 -3.32 -0.12 11.50
N GLY B 111 -4.43 0.60 11.51
CA GLY B 111 -4.96 1.20 12.75
C GLY B 111 -5.89 0.27 13.51
N LEU B 112 -5.46 -0.94 13.83
CA LEU B 112 -6.32 -1.92 14.56
C LEU B 112 -6.73 -1.39 15.92
N THR B 113 -5.84 -0.73 16.66
CA THR B 113 -6.09 -0.23 18.03
C THR B 113 -7.20 0.82 18.00
N ASN B 114 -7.11 1.77 17.05
N ASN B 114 -7.15 1.73 17.02
CA ASN B 114 -8.14 2.81 16.81
CA ASN B 114 -8.17 2.79 16.88
C ASN B 114 -9.46 2.14 16.44
C ASN B 114 -9.48 2.17 16.39
N ILE B 115 -9.43 1.16 15.52
CA ILE B 115 -10.66 0.45 15.06
C ILE B 115 -11.33 -0.21 16.27
N GLU B 116 -10.54 -0.88 17.07
CA GLU B 116 -11.02 -1.61 18.27
C GLU B 116 -11.66 -0.60 19.22
N ASN B 117 -11.03 0.54 19.49
CA ASN B 117 -11.57 1.56 20.42
C ASN B 117 -12.84 2.18 19.83
N ASN B 118 -12.92 2.38 18.51
CA ASN B 118 -14.13 2.98 17.88
C ASN B 118 -15.25 1.94 17.82
N CYS B 119 -14.91 0.65 17.69
CA CYS B 119 -15.88 -0.49 17.76
C CYS B 119 -16.57 -0.52 19.12
N ARG B 120 -15.78 -0.34 20.17
CA ARG B 120 -16.29 -0.25 21.56
C ARG B 120 -17.42 0.79 21.56
N SER B 121 -17.11 2.01 21.15
CA SER B 121 -18.08 3.15 21.10
C SER B 121 -19.30 2.77 20.24
N LEU B 122 -19.10 2.26 19.02
CA LEU B 122 -20.19 1.95 18.06
C LEU B 122 -21.18 0.92 18.64
N PHE B 123 -20.67 -0.17 19.21
CA PHE B 123 -21.47 -1.30 19.75
C PHE B 123 -22.18 -0.88 21.02
N GLU B 124 -21.50 -0.11 21.88
CA GLU B 124 -22.04 0.28 23.21
C GLU B 124 -23.04 1.44 23.11
N GLN B 125 -22.78 2.42 22.25
N GLN B 125 -22.80 2.44 22.27
CA GLN B 125 -23.47 3.74 22.24
CA GLN B 125 -23.67 3.66 22.23
C GLN B 125 -24.02 4.12 20.86
C GLN B 125 -23.87 4.23 20.83
N GLY B 126 -23.61 3.45 19.77
CA GLY B 126 -24.04 3.79 18.40
C GLY B 126 -23.06 4.68 17.63
N PRO B 127 -23.28 4.93 16.33
CA PRO B 127 -22.29 5.63 15.50
C PRO B 127 -21.98 7.08 15.89
N ARG B 128 -22.84 7.72 16.67
CA ARG B 128 -22.68 9.15 16.98
C ARG B 128 -21.52 9.30 17.97
N ARG B 129 -20.99 8.20 18.53
CA ARG B 129 -19.76 8.27 19.38
C ARG B 129 -18.49 7.92 18.59
N ILE B 130 -18.56 7.66 17.28
CA ILE B 130 -17.33 7.44 16.47
C ILE B 130 -16.60 8.79 16.34
N SER B 131 -15.29 8.80 16.54
CA SER B 131 -14.44 10.01 16.39
C SER B 131 -14.50 10.51 14.95
N PRO B 132 -14.60 11.86 14.77
CA PRO B 132 -14.46 12.49 13.46
C PRO B 132 -13.11 12.21 12.75
N PHE B 133 -12.09 11.88 13.53
CA PHE B 133 -10.73 11.66 12.98
C PHE B 133 -10.50 10.16 12.80
N PHE B 134 -11.52 9.34 13.09
CA PHE B 134 -11.47 7.89 12.90
C PHE B 134 -10.78 7.51 11.57
N VAL B 135 -11.32 7.93 10.43
CA VAL B 135 -10.77 7.50 9.11
C VAL B 135 -9.35 8.06 8.91
N PRO B 136 -9.14 9.41 8.90
CA PRO B 136 -7.79 9.92 8.63
C PRO B 136 -6.77 9.57 9.72
N GLY B 137 -7.24 9.27 10.93
CA GLY B 137 -6.33 8.87 12.03
C GLY B 137 -6.04 7.38 12.06
N SER B 138 -6.57 6.59 11.11
CA SER B 138 -6.44 5.11 11.15
C SER B 138 -5.85 4.56 9.86
N ILE B 139 -5.91 5.29 8.77
CA ILE B 139 -5.57 4.73 7.43
C ILE B 139 -4.06 4.77 7.25
N ILE B 140 -3.57 3.82 6.49
CA ILE B 140 -2.11 3.47 6.49
C ILE B 140 -1.29 4.60 5.85
N ASN B 141 -1.88 5.38 4.93
CA ASN B 141 -1.09 6.40 4.19
C ASN B 141 -0.93 7.68 5.03
N MET B 142 -1.40 7.72 6.29
CA MET B 142 -1.33 8.99 7.07
C MET B 142 0.07 9.22 7.65
N VAL B 143 0.96 8.23 7.69
CA VAL B 143 2.35 8.54 8.08
C VAL B 143 2.96 9.39 6.96
N SER B 144 2.86 8.91 5.71
CA SER B 144 3.33 9.70 4.54
C SER B 144 2.61 11.05 4.53
N GLY B 145 1.28 11.04 4.70
CA GLY B 145 0.46 12.26 4.68
C GLY B 145 0.95 13.25 5.72
N PHE B 146 1.04 12.84 6.99
CA PHE B 146 1.31 13.81 8.09
C PHE B 146 2.77 14.25 7.92
N LEU B 147 3.66 13.34 7.52
CA LEU B 147 5.07 13.70 7.40
C LEU B 147 5.23 14.77 6.31
N SER B 148 4.61 14.55 5.15
N SER B 148 4.60 14.54 5.15
CA SER B 148 4.68 15.51 4.02
CA SER B 148 4.61 15.48 4.00
C SER B 148 4.12 16.87 4.46
C SER B 148 4.10 16.85 4.44
N ILE B 149 3.00 16.88 5.19
CA ILE B 149 2.37 18.16 5.66
C ILE B 149 3.31 18.86 6.64
N HIS B 150 3.85 18.15 7.63
CA HIS B 150 4.70 18.76 8.66
C HIS B 150 6.01 19.34 8.05
N LEU B 151 6.63 18.66 7.09
CA LEU B 151 7.97 19.05 6.58
C LEU B 151 7.85 19.75 5.22
N GLY B 152 6.66 19.83 4.65
CA GLY B 152 6.41 20.49 3.35
C GLY B 152 6.98 19.69 2.19
N LEU B 153 6.87 18.36 2.25
CA LEU B 153 7.39 17.46 1.19
C LEU B 153 6.38 17.33 0.06
N GLN B 154 6.79 17.62 -1.17
CA GLN B 154 5.85 17.66 -2.30
C GLN B 154 6.20 16.61 -3.36
N GLY B 155 7.22 15.80 -3.11
CA GLY B 155 7.58 14.67 -3.99
C GLY B 155 6.56 13.53 -3.91
N PRO B 156 6.89 12.38 -4.53
CA PRO B 156 6.02 11.21 -4.52
C PRO B 156 5.58 10.89 -3.10
N ASN B 157 4.26 10.77 -2.91
N ASN B 157 4.27 10.71 -2.92
CA ASN B 157 3.64 10.54 -1.58
CA ASN B 157 3.63 10.55 -1.59
C ASN B 157 2.74 9.30 -1.68
C ASN B 157 2.72 9.32 -1.64
N TYR B 158 3.15 8.21 -1.04
CA TYR B 158 2.39 6.94 -1.11
C TYR B 158 2.76 6.07 0.08
N ALA B 159 2.06 4.95 0.13
CA ALA B 159 2.18 3.97 1.21
C ALA B 159 1.93 2.59 0.60
N LEU B 160 2.86 1.69 0.88
CA LEU B 160 2.73 0.24 0.57
C LEU B 160 2.09 -0.46 1.77
N THR B 161 1.42 -1.56 1.50
CA THR B 161 0.97 -2.51 2.52
C THR B 161 1.10 -3.91 1.89
N THR B 162 2.18 -4.59 2.23
CA THR B 162 2.46 -5.96 1.80
C THR B 162 2.70 -6.81 3.04
N ALA B 163 1.81 -6.71 4.02
CA ALA B 163 1.88 -7.50 5.26
C ALA B 163 3.28 -7.43 5.84
N GLN B 164 3.90 -8.58 6.06
CA GLN B 164 5.20 -8.69 6.75
C GLN B 164 6.35 -8.27 5.82
N THR B 165 6.08 -7.93 4.56
CA THR B 165 7.11 -7.52 3.56
C THR B 165 7.12 -5.99 3.42
N THR B 166 6.15 -5.32 4.06
CA THR B 166 5.90 -3.89 3.84
C THR B 166 7.19 -3.07 3.90
N GLY B 167 7.94 -3.13 4.99
CA GLY B 167 9.08 -2.22 5.16
C GLY B 167 10.16 -2.41 4.10
N THR B 168 10.41 -3.65 3.69
CA THR B 168 11.41 -4.00 2.64
C THR B 168 10.93 -3.41 1.32
N HIS B 169 9.68 -3.65 0.93
CA HIS B 169 9.16 -3.13 -0.35
C HIS B 169 9.13 -1.60 -0.33
N SER B 170 8.79 -1.01 0.81
CA SER B 170 8.69 0.46 0.90
C SER B 170 10.06 1.05 0.55
N ILE B 171 11.08 0.54 1.19
CA ILE B 171 12.46 1.05 0.98
C ILE B 171 12.91 0.79 -0.47
N GLY B 172 12.68 -0.41 -0.98
CA GLY B 172 13.06 -0.79 -2.35
C GLY B 172 12.43 0.09 -3.40
N MET B 173 11.13 0.34 -3.30
N MET B 173 11.13 0.32 -3.30
CA MET B 173 10.39 1.10 -4.33
CA MET B 173 10.37 1.12 -4.29
C MET B 173 10.68 2.61 -4.17
C MET B 173 10.77 2.59 -4.19
N ALA B 174 11.04 3.08 -2.97
CA ALA B 174 11.52 4.47 -2.76
C ALA B 174 12.89 4.61 -3.46
N ALA B 175 13.74 3.60 -3.34
CA ALA B 175 15.06 3.53 -4.02
C ALA B 175 14.87 3.59 -5.52
N ARG B 176 13.90 2.86 -6.10
CA ARG B 176 13.55 2.95 -7.54
C ARG B 176 13.18 4.39 -7.92
N ASN B 177 12.32 5.04 -7.12
CA ASN B 177 11.89 6.42 -7.39
C ASN B 177 13.15 7.27 -7.61
N ILE B 178 14.15 7.14 -6.77
CA ILE B 178 15.35 8.02 -6.85
C ILE B 178 16.21 7.57 -8.03
N ALA B 179 16.40 6.27 -8.16
CA ALA B 179 17.30 5.70 -9.21
C ALA B 179 16.83 6.14 -10.60
N TYR B 180 15.52 6.21 -10.80
CA TYR B 180 14.90 6.52 -12.12
C TYR B 180 14.50 8.00 -12.20
N GLY B 181 14.94 8.83 -11.26
CA GLY B 181 14.87 10.30 -11.35
C GLY B 181 13.51 10.90 -11.03
N GLU B 182 12.61 10.17 -10.36
CA GLU B 182 11.27 10.68 -9.95
C GLU B 182 11.38 11.46 -8.62
N ALA B 183 12.49 11.33 -7.90
CA ALA B 183 12.76 12.04 -6.65
C ALA B 183 14.25 12.07 -6.42
N ASP B 184 14.72 13.02 -5.61
CA ASP B 184 16.13 13.03 -5.17
C ASP B 184 16.27 12.49 -3.77
N VAL B 185 15.22 12.57 -2.95
CA VAL B 185 15.24 12.09 -1.53
C VAL B 185 13.90 11.42 -1.26
N MET B 186 13.93 10.31 -0.53
CA MET B 186 12.70 9.66 -0.04
C MET B 186 12.91 9.26 1.42
N VAL B 187 11.87 9.46 2.22
CA VAL B 187 11.80 8.88 3.59
C VAL B 187 11.01 7.58 3.46
N ALA B 188 11.57 6.43 3.82
CA ALA B 188 10.91 5.14 3.51
C ALA B 188 11.07 4.17 4.67
N GLY B 189 10.11 3.28 4.81
CA GLY B 189 10.14 2.25 5.86
C GLY B 189 8.74 1.90 6.25
N GLY B 190 8.51 1.63 7.54
CA GLY B 190 7.20 1.11 7.95
C GLY B 190 7.01 1.22 9.45
N SER B 191 5.78 1.01 9.90
CA SER B 191 5.44 1.11 11.32
C SER B 191 4.26 0.19 11.60
N GLU B 192 4.19 -0.26 12.84
CA GLU B 192 3.13 -1.22 13.19
C GLU B 192 2.86 -1.16 14.69
N MET B 193 1.59 -1.28 15.05
N MET B 193 1.58 -1.30 15.04
CA MET B 193 1.16 -1.50 16.45
CA MET B 193 1.09 -1.44 16.43
C MET B 193 -0.11 -2.34 16.39
C MET B 193 -0.14 -2.34 16.42
N ALA B 194 0.07 -3.66 16.39
CA ALA B 194 -1.03 -4.64 16.27
C ALA B 194 -1.19 -5.39 17.60
N ALA B 195 -0.64 -4.87 18.71
CA ALA B 195 -0.83 -5.47 20.07
C ALA B 195 -2.15 -4.99 20.65
N CYS B 196 -3.24 -5.32 19.97
CA CYS B 196 -4.62 -5.15 20.48
C CYS B 196 -5.18 -6.55 20.54
N GLY B 197 -6.39 -6.67 21.06
CA GLY B 197 -7.16 -7.94 21.06
C GLY B 197 -7.22 -8.50 19.66
N LEU B 198 -7.49 -7.66 18.66
CA LEU B 198 -7.69 -8.13 17.27
C LEU B 198 -6.40 -8.75 16.73
N GLY B 199 -5.23 -8.18 17.04
CA GLY B 199 -3.93 -8.66 16.54
C GLY B 199 -3.47 -9.88 17.29
N LEU B 200 -3.42 -9.82 18.62
CA LEU B 200 -3.10 -11.03 19.41
C LEU B 200 -4.14 -12.12 19.13
N GLY B 201 -5.42 -11.79 19.18
CA GLY B 201 -6.52 -12.72 18.91
C GLY B 201 -6.50 -13.27 17.50
N GLY B 202 -6.27 -12.42 16.50
CA GLY B 202 -6.29 -12.80 15.09
C GLY B 202 -5.20 -13.79 14.76
N PHE B 203 -3.96 -13.49 15.16
CA PHE B 203 -2.80 -14.37 14.90
C PHE B 203 -2.90 -15.61 15.79
N GLY B 204 -3.41 -15.44 17.02
CA GLY B 204 -3.66 -16.54 17.98
C GLY B 204 -4.67 -17.54 17.43
N ALA B 205 -5.77 -17.08 16.84
CA ALA B 205 -6.82 -17.96 16.28
C ALA B 205 -6.21 -18.84 15.18
N ALA B 206 -5.24 -18.33 14.42
CA ALA B 206 -4.52 -19.06 13.33
C ALA B 206 -3.39 -19.92 13.91
N ARG B 207 -3.18 -19.88 15.22
CA ARG B 207 -2.13 -20.60 15.98
C ARG B 207 -0.76 -20.24 15.41
N ALA B 208 -0.56 -18.99 15.01
CA ALA B 208 0.66 -18.52 14.31
C ALA B 208 1.69 -18.05 15.34
N LEU B 209 1.23 -17.77 16.55
CA LEU B 209 2.08 -17.14 17.61
C LEU B 209 2.69 -18.22 18.51
N SER B 210 3.94 -18.01 18.93
CA SER B 210 4.49 -18.68 20.12
C SER B 210 3.55 -18.53 21.32
N THR B 211 3.32 -19.63 22.06
CA THR B 211 2.54 -19.64 23.33
C THR B 211 3.46 -19.93 24.52
N ARG B 212 4.76 -19.62 24.44
CA ARG B 212 5.73 -19.84 25.53
C ARG B 212 5.63 -18.71 26.58
N ASN B 213 4.48 -18.61 27.24
CA ASN B 213 4.11 -17.52 28.18
C ASN B 213 5.02 -17.55 29.40
N ASP B 214 5.56 -18.73 29.75
CA ASP B 214 6.39 -18.90 30.98
C ASP B 214 7.77 -18.28 30.76
N GLU B 215 8.24 -18.17 29.51
CA GLU B 215 9.61 -17.70 29.19
C GLU B 215 9.58 -16.85 27.91
N PRO B 216 8.97 -15.65 27.98
CA PRO B 216 8.79 -14.80 26.79
C PRO B 216 10.10 -14.50 26.06
N THR B 217 11.21 -14.32 26.78
CA THR B 217 12.50 -13.94 26.16
C THR B 217 13.07 -15.12 25.36
N ARG B 218 12.61 -16.36 25.61
CA ARG B 218 13.10 -17.55 24.88
C ARG B 218 12.11 -17.93 23.78
N ALA B 219 10.98 -17.23 23.65
CA ALA B 219 9.90 -17.64 22.71
C ALA B 219 10.40 -17.54 21.28
N SER B 220 11.08 -16.44 20.91
CA SER B 220 11.53 -16.19 19.52
C SER B 220 12.87 -16.90 19.32
N ARG B 221 12.86 -18.04 18.63
CA ARG B 221 14.04 -18.93 18.57
C ARG B 221 14.19 -19.42 17.14
N PRO B 222 14.51 -18.54 16.17
CA PRO B 222 14.57 -18.94 14.77
C PRO B 222 15.55 -20.11 14.53
N TRP B 223 15.07 -21.10 13.78
CA TRP B 223 15.78 -22.33 13.34
C TRP B 223 16.04 -23.29 14.49
N ASP B 224 15.54 -23.00 15.69
CA ASP B 224 15.65 -23.90 16.88
C ASP B 224 14.56 -24.96 16.75
N ARG B 225 14.86 -26.19 17.12
CA ARG B 225 13.92 -27.32 16.91
C ARG B 225 12.68 -27.16 17.80
N ASP B 226 12.71 -26.32 18.81
CA ASP B 226 11.58 -26.12 19.77
C ASP B 226 10.83 -24.81 19.51
N ARG B 227 11.05 -24.15 18.38
CA ARG B 227 10.26 -22.95 17.98
C ARG B 227 8.80 -23.38 17.83
N ASP B 228 7.87 -22.46 18.07
CA ASP B 228 6.41 -22.74 18.06
C ASP B 228 5.64 -21.49 17.57
N GLY B 229 6.27 -20.66 16.73
CA GLY B 229 5.59 -19.55 16.02
C GLY B 229 6.24 -18.21 16.34
N PHE B 230 5.78 -17.15 15.71
CA PHE B 230 6.43 -15.82 15.85
C PHE B 230 5.93 -15.12 17.11
N VAL B 231 6.68 -14.10 17.47
CA VAL B 231 6.40 -13.18 18.59
C VAL B 231 5.97 -11.85 17.98
N LEU B 232 4.80 -11.34 18.38
CA LEU B 232 4.25 -10.08 17.83
C LEU B 232 4.93 -8.89 18.50
N SER B 233 5.42 -7.94 17.69
CA SER B 233 6.15 -6.77 18.18
C SER B 233 5.71 -5.52 17.43
N ASP B 234 6.02 -4.39 18.08
CA ASP B 234 5.54 -3.05 17.70
C ASP B 234 6.74 -2.18 17.41
N GLY B 235 6.54 -1.14 16.60
CA GLY B 235 7.57 -0.10 16.42
C GLY B 235 7.62 0.40 15.00
N SER B 236 8.76 0.89 14.59
CA SER B 236 8.91 1.64 13.31
C SER B 236 10.36 1.73 12.92
N GLY B 237 10.61 1.80 11.62
CA GLY B 237 11.92 2.10 11.05
C GLY B 237 11.74 3.05 9.89
N ALA B 238 12.62 4.02 9.76
CA ALA B 238 12.58 4.97 8.63
C ALA B 238 14.00 5.22 8.18
N LEU B 239 14.21 5.25 6.87
CA LEU B 239 15.53 5.59 6.31
C LEU B 239 15.35 6.80 5.42
N VAL B 240 16.32 7.70 5.44
CA VAL B 240 16.45 8.73 4.39
C VAL B 240 17.29 8.13 3.26
N LEU B 241 16.66 7.92 2.11
CA LEU B 241 17.29 7.49 0.86
C LEU B 241 17.58 8.73 0.04
N GLU B 242 18.76 8.78 -0.59
CA GLU B 242 19.20 10.04 -1.25
C GLU B 242 20.02 9.69 -2.47
N GLU B 243 19.77 10.41 -3.56
CA GLU B 243 20.64 10.29 -4.74
C GLU B 243 22.09 10.63 -4.33
N LEU B 244 23.07 9.85 -4.79
CA LEU B 244 24.48 9.99 -4.34
C LEU B 244 25.02 11.40 -4.59
N GLU B 245 24.91 11.92 -5.79
CA GLU B 245 25.52 13.25 -6.13
C GLU B 245 24.87 14.33 -5.25
N HIS B 246 23.58 14.23 -4.99
CA HIS B 246 22.84 15.11 -4.07
C HIS B 246 23.43 15.02 -2.65
N ALA B 247 23.69 13.80 -2.16
CA ALA B 247 24.27 13.54 -0.82
C ALA B 247 25.68 14.16 -0.78
N ARG B 248 26.46 13.94 -1.83
CA ARG B 248 27.88 14.40 -1.87
C ARG B 248 27.91 15.92 -1.90
N ALA B 249 27.05 16.57 -2.68
CA ALA B 249 27.05 18.03 -2.86
C ALA B 249 26.80 18.76 -1.52
N ARG B 250 26.00 18.20 -0.61
CA ARG B 250 25.70 18.89 0.67
C ARG B 250 26.58 18.36 1.81
N GLY B 251 27.50 17.44 1.52
CA GLY B 251 28.42 16.88 2.52
C GLY B 251 27.71 15.94 3.49
N ALA B 252 26.70 15.22 3.02
CA ALA B 252 25.95 14.26 3.86
C ALA B 252 26.90 13.17 4.41
N ARG B 253 26.59 12.66 5.59
CA ARG B 253 27.23 11.45 6.15
C ARG B 253 26.49 10.28 5.49
N ILE B 254 27.21 9.43 4.77
CA ILE B 254 26.61 8.26 4.07
C ILE B 254 26.88 7.01 4.89
N TYR B 255 25.83 6.33 5.32
CA TYR B 255 26.00 5.06 6.07
C TYR B 255 26.39 3.91 5.13
N ALA B 256 25.75 3.79 3.98
CA ALA B 256 25.85 2.63 3.09
C ALA B 256 25.18 2.98 1.78
N GLU B 257 25.41 2.13 0.77
CA GLU B 257 24.72 2.27 -0.53
C GLU B 257 23.66 1.19 -0.64
N LEU B 258 22.49 1.55 -1.17
CA LEU B 258 21.44 0.58 -1.53
C LEU B 258 21.66 0.20 -3.01
N VAL B 259 22.20 -1.00 -3.29
CA VAL B 259 22.68 -1.40 -4.64
C VAL B 259 21.66 -2.29 -5.36
N GLY B 260 20.81 -3.02 -4.62
CA GLY B 260 19.85 -3.97 -5.23
C GLY B 260 18.53 -4.06 -4.48
N PHE B 261 17.48 -4.37 -5.23
CA PHE B 261 16.13 -4.63 -4.73
C PHE B 261 15.51 -5.71 -5.61
N GLY B 262 15.02 -6.76 -4.95
CA GLY B 262 14.28 -7.85 -5.59
C GLY B 262 12.91 -7.99 -4.98
N MET B 263 11.98 -8.40 -5.86
CA MET B 263 10.58 -8.73 -5.54
C MET B 263 10.28 -10.08 -6.19
N SER B 264 9.43 -10.86 -5.58
CA SER B 264 8.82 -12.04 -6.23
C SER B 264 7.56 -12.41 -5.50
N GLY B 265 6.76 -13.25 -6.17
CA GLY B 265 5.63 -13.96 -5.57
C GLY B 265 5.88 -15.44 -5.58
N ASP B 266 5.61 -16.10 -4.46
CA ASP B 266 5.64 -17.58 -4.33
C ASP B 266 4.56 -18.18 -5.24
N ALA B 267 3.40 -17.52 -5.28
CA ALA B 267 2.16 -18.04 -5.91
C ALA B 267 1.92 -19.48 -5.43
N PHE B 268 2.09 -19.70 -4.13
CA PHE B 268 2.14 -21.05 -3.53
C PHE B 268 1.07 -21.15 -2.44
N HIS B 269 1.32 -20.59 -1.26
CA HIS B 269 0.46 -20.73 -0.06
C HIS B 269 0.08 -19.35 0.47
N MET B 270 -0.97 -19.32 1.30
CA MET B 270 -1.43 -18.12 2.02
C MET B 270 -0.41 -17.74 3.10
N THR B 271 0.05 -18.72 3.89
CA THR B 271 0.88 -18.51 5.10
C THR B 271 2.20 -19.27 4.98
N ALA B 272 2.17 -20.60 4.85
CA ALA B 272 3.35 -21.50 4.90
C ALA B 272 4.08 -21.48 3.56
N PRO B 273 5.27 -20.86 3.44
CA PRO B 273 5.98 -20.80 2.17
C PRO B 273 6.34 -22.20 1.68
N PRO B 274 6.72 -22.38 0.40
CA PRO B 274 7.13 -23.71 -0.07
C PRO B 274 8.40 -24.18 0.67
N GLU B 275 8.49 -25.47 0.96
CA GLU B 275 9.59 -26.04 1.79
C GLU B 275 10.93 -25.72 1.14
N ASP B 276 10.97 -25.63 -0.18
CA ASP B 276 12.24 -25.39 -0.93
C ASP B 276 12.52 -23.88 -1.05
N GLY B 277 11.66 -23.01 -0.52
CA GLY B 277 11.86 -21.55 -0.56
C GLY B 277 12.10 -21.05 -1.96
N ALA B 278 11.45 -21.67 -2.97
CA ALA B 278 11.67 -21.33 -4.40
C ALA B 278 11.44 -19.83 -4.62
N GLY B 279 10.39 -19.27 -4.01
CA GLY B 279 10.05 -17.84 -4.19
C GLY B 279 11.12 -16.93 -3.61
N ALA B 280 11.53 -17.21 -2.39
CA ALA B 280 12.57 -16.43 -1.69
C ALA B 280 13.88 -16.52 -2.49
N ALA B 281 14.16 -17.68 -3.10
CA ALA B 281 15.37 -17.88 -3.93
C ALA B 281 15.30 -17.00 -5.17
N ARG B 282 14.16 -16.95 -5.87
CA ARG B 282 14.00 -16.08 -7.05
C ARG B 282 14.19 -14.61 -6.66
N CYS B 283 13.63 -14.22 -5.53
CA CYS B 283 13.65 -12.83 -5.05
C CYS B 283 15.10 -12.41 -4.77
N MET B 284 15.83 -13.21 -4.00
CA MET B 284 17.27 -12.94 -3.70
C MET B 284 18.08 -12.85 -5.00
N LYS B 285 17.88 -13.77 -5.93
CA LYS B 285 18.58 -13.77 -7.25
C LYS B 285 18.20 -12.52 -8.02
N ASN B 286 16.94 -12.09 -7.97
CA ASN B 286 16.51 -10.84 -8.63
C ASN B 286 17.28 -9.66 -8.02
N ALA B 287 17.44 -9.63 -6.70
CA ALA B 287 18.09 -8.51 -5.98
C ALA B 287 19.59 -8.46 -6.37
N LEU B 288 20.23 -9.62 -6.42
CA LEU B 288 21.67 -9.68 -6.78
C LEU B 288 21.86 -9.29 -8.25
N ARG B 289 20.99 -9.76 -9.16
CA ARG B 289 21.08 -9.38 -10.59
C ARG B 289 20.90 -7.86 -10.65
N ASP B 290 19.97 -7.33 -9.87
CA ASP B 290 19.69 -5.87 -9.84
C ASP B 290 20.96 -5.10 -9.41
N ALA B 291 21.72 -5.65 -8.46
CA ALA B 291 22.97 -5.05 -7.94
C ALA B 291 24.18 -5.36 -8.85
N GLY B 292 24.04 -6.21 -9.87
CA GLY B 292 25.19 -6.72 -10.66
C GLY B 292 26.20 -7.45 -9.80
N LEU B 293 25.74 -8.14 -8.76
CA LEU B 293 26.62 -8.92 -7.86
C LEU B 293 26.39 -10.41 -8.04
N ASP B 294 27.47 -11.17 -7.96
N ASP B 294 27.47 -11.18 -7.99
CA ASP B 294 27.48 -12.66 -7.94
CA ASP B 294 27.44 -12.67 -7.94
C ASP B 294 27.10 -13.08 -6.51
C ASP B 294 27.06 -13.07 -6.51
N PRO B 295 26.27 -14.15 -6.33
CA PRO B 295 25.97 -14.64 -4.98
C PRO B 295 27.20 -14.74 -4.06
N ARG B 296 28.36 -15.08 -4.60
CA ARG B 296 29.63 -15.22 -3.84
C ARG B 296 30.03 -13.93 -3.12
N GLN B 297 29.56 -12.77 -3.57
CA GLN B 297 29.99 -11.47 -2.95
C GLN B 297 29.19 -11.18 -1.68
N VAL B 298 28.15 -11.95 -1.35
CA VAL B 298 27.32 -11.64 -0.16
C VAL B 298 28.03 -12.13 1.11
N ASP B 299 28.06 -11.28 2.12
CA ASP B 299 28.77 -11.54 3.38
C ASP B 299 27.80 -11.78 4.54
N TYR B 300 26.67 -11.08 4.55
CA TYR B 300 25.77 -11.06 5.73
C TYR B 300 24.33 -11.01 5.22
N ILE B 301 23.48 -11.86 5.76
CA ILE B 301 22.03 -11.86 5.45
C ILE B 301 21.27 -11.64 6.77
N ASN B 302 20.48 -10.57 6.82
CA ASN B 302 19.46 -10.43 7.88
C ASN B 302 18.25 -11.18 7.38
N ALA B 303 18.04 -12.36 7.94
CA ALA B 303 16.96 -13.29 7.53
C ALA B 303 15.62 -12.65 7.87
N HIS B 304 14.55 -13.12 7.23
CA HIS B 304 13.20 -12.88 7.75
C HIS B 304 13.07 -13.60 9.10
N GLY B 305 13.40 -14.90 9.13
CA GLY B 305 13.64 -15.67 10.38
C GLY B 305 12.62 -15.40 11.48
N THR B 306 11.35 -15.73 11.23
CA THR B 306 10.20 -15.36 12.10
C THR B 306 10.04 -16.31 13.30
N SER B 307 10.71 -17.48 13.31
CA SER B 307 10.55 -18.52 14.38
C SER B 307 9.30 -19.38 14.12
N THR B 308 8.82 -19.47 12.89
CA THR B 308 7.75 -20.41 12.49
C THR B 308 8.42 -21.68 11.96
N PRO B 309 7.81 -22.86 12.21
CA PRO B 309 8.36 -24.11 11.67
C PRO B 309 8.60 -24.01 10.17
N ALA B 310 7.59 -23.64 9.38
CA ALA B 310 7.68 -23.69 7.90
C ALA B 310 8.56 -22.54 7.35
N GLY B 311 8.41 -21.32 7.88
CA GLY B 311 9.16 -20.13 7.41
C GLY B 311 10.67 -20.32 7.52
N ASP B 312 11.14 -20.71 8.69
CA ASP B 312 12.59 -20.73 8.97
C ASP B 312 13.26 -21.73 8.04
N ILE B 313 12.64 -22.89 7.81
CA ILE B 313 13.26 -24.00 7.04
C ILE B 313 13.29 -23.63 5.55
N ALA B 314 12.26 -22.95 5.05
CA ALA B 314 12.19 -22.44 3.66
C ALA B 314 13.38 -21.50 3.37
N GLU B 315 13.73 -20.64 4.33
N GLU B 315 13.71 -20.67 4.35
CA GLU B 315 14.82 -19.65 4.14
CA GLU B 315 14.79 -19.65 4.21
C GLU B 315 16.18 -20.37 4.09
C GLU B 315 16.15 -20.35 4.13
N ILE B 316 16.37 -21.40 4.90
CA ILE B 316 17.62 -22.24 4.82
C ILE B 316 17.72 -22.80 3.41
N ALA B 317 16.67 -23.43 2.91
CA ALA B 317 16.66 -24.05 1.56
C ALA B 317 16.94 -23.00 0.48
N ALA B 318 16.30 -21.83 0.57
CA ALA B 318 16.46 -20.74 -0.40
C ALA B 318 17.94 -20.29 -0.44
N VAL B 319 18.53 -20.11 0.73
CA VAL B 319 19.94 -19.63 0.86
C VAL B 319 20.88 -20.72 0.28
N LYS B 320 20.66 -21.99 0.61
CA LYS B 320 21.51 -23.10 0.06
C LYS B 320 21.40 -23.10 -1.46
N SER B 321 20.20 -22.89 -1.98
CA SER B 321 19.91 -22.93 -3.43
C SER B 321 20.63 -21.77 -4.12
N VAL B 322 20.48 -20.55 -3.59
CA VAL B 322 21.05 -19.35 -4.24
C VAL B 322 22.58 -19.35 -4.15
N PHE B 323 23.13 -19.73 -3.00
CA PHE B 323 24.54 -19.45 -2.66
C PHE B 323 25.43 -20.67 -2.85
N GLY B 324 24.85 -21.87 -3.05
CA GLY B 324 25.64 -23.09 -3.32
C GLY B 324 26.85 -23.21 -2.39
N GLU B 325 28.05 -23.28 -2.96
CA GLU B 325 29.29 -23.54 -2.17
C GLU B 325 29.68 -22.30 -1.34
N HIS B 326 28.99 -21.16 -1.45
CA HIS B 326 29.23 -19.97 -0.59
C HIS B 326 28.22 -19.89 0.59
N ALA B 327 27.24 -20.79 0.65
CA ALA B 327 26.08 -20.72 1.57
C ALA B 327 26.51 -20.72 3.05
N HIS B 328 27.62 -21.41 3.38
CA HIS B 328 28.17 -21.51 4.75
C HIS B 328 29.13 -20.35 5.06
N ALA B 329 29.70 -19.71 4.04
CA ALA B 329 30.74 -18.66 4.19
C ALA B 329 30.07 -17.37 4.68
N LEU B 330 28.92 -17.03 4.09
CA LEU B 330 28.13 -15.88 4.61
C LEU B 330 27.66 -16.21 6.03
N SER B 331 27.37 -15.17 6.79
CA SER B 331 26.71 -15.23 8.10
C SER B 331 25.26 -14.82 7.89
N MET B 332 24.31 -15.55 8.44
CA MET B 332 22.87 -15.21 8.34
C MET B 332 22.27 -15.24 9.74
N SER B 333 21.64 -14.16 10.18
CA SER B 333 21.03 -14.13 11.53
C SER B 333 19.64 -13.50 11.45
N SER B 334 18.82 -13.92 12.38
CA SER B 334 17.48 -13.33 12.61
C SER B 334 17.55 -12.46 13.87
N THR B 335 17.51 -11.16 13.66
CA THR B 335 17.36 -10.21 14.78
C THR B 335 15.94 -10.35 15.36
N LYS B 336 14.99 -11.03 14.71
CA LYS B 336 13.67 -11.27 15.35
C LYS B 336 13.85 -12.14 16.59
N SER B 337 14.97 -12.85 16.75
CA SER B 337 15.28 -13.61 17.98
C SER B 337 15.24 -12.66 19.21
N MET B 338 15.53 -11.38 19.00
CA MET B 338 15.60 -10.34 20.07
C MET B 338 14.39 -9.39 19.99
N THR B 339 14.02 -8.93 18.78
CA THR B 339 13.02 -7.84 18.60
C THR B 339 11.60 -8.40 18.55
N GLY B 340 11.48 -9.69 18.25
CA GLY B 340 10.20 -10.25 17.76
C GLY B 340 9.92 -9.72 16.38
N HIS B 341 8.70 -9.96 15.91
CA HIS B 341 8.26 -9.74 14.51
C HIS B 341 7.46 -8.43 14.46
N LEU B 342 8.04 -7.36 13.94
CA LEU B 342 7.33 -6.04 13.85
C LEU B 342 6.43 -5.97 12.61
N LEU B 343 6.14 -7.10 11.97
CA LEU B 343 5.25 -7.20 10.79
C LEU B 343 5.63 -6.18 9.70
N GLY B 344 4.80 -5.19 9.37
CA GLY B 344 5.14 -4.25 8.30
C GLY B 344 6.36 -3.39 8.62
N ALA B 345 6.80 -3.28 9.87
CA ALA B 345 8.00 -2.49 10.24
C ALA B 345 9.21 -3.42 10.32
N ALA B 346 9.02 -4.74 10.28
CA ALA B 346 10.15 -5.69 10.36
C ALA B 346 11.23 -5.33 9.32
N GLY B 347 10.84 -5.17 8.06
CA GLY B 347 11.81 -4.92 6.98
C GLY B 347 12.51 -3.59 7.14
N ALA B 348 11.87 -2.62 7.80
CA ALA B 348 12.44 -1.28 7.99
C ALA B 348 13.53 -1.38 9.05
N VAL B 349 13.21 -1.91 10.23
CA VAL B 349 14.20 -1.94 11.33
C VAL B 349 15.33 -2.91 10.91
N GLU B 350 15.03 -3.95 10.13
CA GLU B 350 16.09 -4.93 9.75
C GLU B 350 16.97 -4.38 8.62
N ALA B 351 16.47 -3.52 7.73
CA ALA B 351 17.33 -2.74 6.80
C ALA B 351 18.31 -1.87 7.59
N ILE B 352 17.84 -1.24 8.68
CA ILE B 352 18.73 -0.42 9.53
C ILE B 352 19.80 -1.31 10.18
N PHE B 353 19.42 -2.49 10.70
CA PHE B 353 20.41 -3.39 11.33
C PHE B 353 21.39 -3.90 10.29
N SER B 354 20.94 -4.09 9.04
CA SER B 354 21.82 -4.53 7.93
C SER B 354 22.83 -3.42 7.58
N VAL B 355 22.38 -2.18 7.56
CA VAL B 355 23.25 -1.01 7.32
C VAL B 355 24.28 -0.95 8.44
N LEU B 356 23.85 -1.10 9.69
CA LEU B 356 24.78 -0.95 10.85
C LEU B 356 25.73 -2.13 10.93
N ALA B 357 25.34 -3.32 10.47
CA ALA B 357 26.29 -4.46 10.34
C ALA B 357 27.42 -4.04 9.40
N LEU B 358 27.11 -3.29 8.35
CA LEU B 358 28.14 -2.81 7.40
C LEU B 358 29.01 -1.75 8.09
N ARG B 359 28.40 -0.80 8.79
CA ARG B 359 29.18 0.25 9.46
C ARG B 359 30.16 -0.39 10.45
N ASP B 360 29.70 -1.35 11.24
CA ASP B 360 30.44 -1.81 12.45
C ASP B 360 31.17 -3.13 12.19
N GLN B 361 31.00 -3.72 11.01
CA GLN B 361 31.68 -5.00 10.62
C GLN B 361 31.35 -6.05 11.69
N VAL B 362 30.05 -6.27 11.93
CA VAL B 362 29.62 -7.25 12.95
C VAL B 362 28.29 -7.86 12.50
N ALA B 363 28.20 -9.19 12.55
CA ALA B 363 26.93 -9.92 12.34
C ALA B 363 26.20 -10.02 13.66
N PRO B 364 24.96 -9.48 13.78
CA PRO B 364 24.17 -9.65 14.97
C PRO B 364 23.83 -11.10 15.24
N PRO B 365 23.62 -11.49 16.52
CA PRO B 365 23.37 -12.89 16.87
C PRO B 365 21.96 -13.33 16.50
N THR B 366 21.77 -14.62 16.31
CA THR B 366 20.44 -15.27 16.45
C THR B 366 20.42 -15.82 17.88
N ILE B 367 19.82 -15.12 18.86
CA ILE B 367 19.79 -15.66 20.26
C ILE B 367 18.78 -16.84 20.33
N ASN B 368 18.88 -17.67 21.37
CA ASN B 368 17.95 -18.80 21.67
C ASN B 368 18.17 -19.98 20.69
N LEU B 369 19.21 -19.96 19.86
CA LEU B 369 19.44 -21.03 18.84
C LEU B 369 20.23 -22.13 19.54
N ASP B 370 19.54 -22.83 20.44
CA ASP B 370 20.12 -23.77 21.44
C ASP B 370 20.33 -25.11 20.75
N ASN B 371 19.39 -25.51 19.90
CA ASN B 371 19.37 -26.80 19.17
C ASN B 371 18.89 -26.58 17.74
N PRO B 372 19.81 -26.20 16.83
CA PRO B 372 19.50 -26.07 15.41
C PRO B 372 18.72 -27.29 14.92
N ASP B 373 17.64 -27.01 14.21
CA ASP B 373 16.77 -28.05 13.63
C ASP B 373 17.52 -28.80 12.53
N GLU B 374 16.91 -29.88 12.04
CA GLU B 374 17.43 -30.72 10.93
C GLU B 374 17.71 -29.84 9.72
N GLY B 375 18.95 -29.83 9.24
CA GLY B 375 19.32 -29.09 8.02
C GLY B 375 19.69 -27.64 8.31
N CYS B 376 19.52 -27.16 9.54
CA CYS B 376 19.83 -25.75 9.88
C CYS B 376 21.32 -25.65 10.24
N ASP B 377 22.21 -25.98 9.31
CA ASP B 377 23.65 -26.13 9.64
C ASP B 377 24.46 -24.97 9.04
N LEU B 378 23.82 -23.87 8.68
CA LEU B 378 24.55 -22.66 8.18
C LEU B 378 25.19 -21.93 9.37
N ASP B 379 25.91 -20.86 9.09
CA ASP B 379 26.46 -19.97 10.12
C ASP B 379 25.35 -19.01 10.49
N LEU B 380 24.58 -19.35 11.51
CA LEU B 380 23.34 -18.63 11.89
C LEU B 380 23.66 -17.72 13.06
N VAL B 381 24.97 -17.53 13.31
CA VAL B 381 25.48 -16.61 14.36
C VAL B 381 24.78 -16.89 15.70
N ALA B 382 24.72 -18.17 16.10
CA ALA B 382 24.02 -18.56 17.34
C ALA B 382 24.60 -17.79 18.53
N HIS B 383 23.71 -17.21 19.34
CA HIS B 383 23.92 -16.77 20.74
C HIS B 383 24.64 -15.42 20.83
N GLU B 384 25.75 -15.20 20.11
CA GLU B 384 26.66 -14.05 20.29
C GLU B 384 26.99 -13.37 18.96
N ALA B 385 27.10 -12.05 18.98
CA ALA B 385 27.48 -11.22 17.81
C ALA B 385 28.84 -11.69 17.30
N LYS B 386 29.06 -11.62 16.00
CA LYS B 386 30.30 -12.13 15.37
C LYS B 386 30.91 -11.00 14.55
N PRO B 387 31.99 -10.35 15.04
CA PRO B 387 32.78 -9.44 14.22
C PRO B 387 33.32 -10.20 13.01
N ARG B 388 33.26 -9.60 11.83
CA ARG B 388 33.67 -10.26 10.57
C ARG B 388 33.71 -9.23 9.47
N LYS B 389 34.28 -9.60 8.33
CA LYS B 389 34.27 -8.75 7.13
C LYS B 389 32.86 -8.75 6.52
N ILE B 390 32.31 -7.58 6.30
CA ILE B 390 30.99 -7.46 5.61
C ILE B 390 31.11 -6.33 4.61
N ASP B 391 31.11 -6.64 3.32
CA ASP B 391 31.05 -5.64 2.24
C ASP B 391 29.63 -5.54 1.70
N VAL B 392 28.92 -6.68 1.67
CA VAL B 392 27.58 -6.79 1.04
C VAL B 392 26.65 -7.49 2.03
N ALA B 393 25.49 -6.86 2.31
CA ALA B 393 24.49 -7.31 3.31
C ALA B 393 23.15 -7.39 2.61
N LEU B 394 22.45 -8.51 2.76
CA LEU B 394 21.08 -8.70 2.21
C LEU B 394 20.11 -8.60 3.38
N SER B 395 18.91 -8.10 3.13
CA SER B 395 17.82 -8.15 4.12
C SER B 395 16.59 -8.69 3.44
N ASN B 396 16.05 -9.79 3.94
CA ASN B 396 14.89 -10.48 3.33
C ASN B 396 13.63 -10.28 4.19
N SER B 397 12.50 -10.19 3.52
CA SER B 397 11.15 -10.23 4.11
C SER B 397 10.26 -11.11 3.22
N PHE B 398 9.49 -11.97 3.86
CA PHE B 398 8.48 -12.83 3.17
C PHE B 398 7.14 -12.65 3.91
N GLY B 399 6.04 -12.46 3.21
CA GLY B 399 4.78 -12.15 3.91
C GLY B 399 3.61 -12.97 3.41
N PHE B 400 2.46 -12.82 4.09
CA PHE B 400 1.18 -13.40 3.68
C PHE B 400 1.01 -13.19 2.18
N GLY B 401 0.51 -14.23 1.51
CA GLY B 401 0.26 -14.22 0.06
C GLY B 401 1.51 -14.63 -0.70
N GLY B 402 2.58 -14.97 0.00
CA GLY B 402 3.85 -15.38 -0.65
C GLY B 402 4.56 -14.21 -1.29
N THR B 403 4.39 -13.01 -0.74
CA THR B 403 5.01 -11.81 -1.33
C THR B 403 6.40 -11.65 -0.71
N ASN B 404 7.43 -11.52 -1.56
CA ASN B 404 8.84 -11.54 -1.12
C ASN B 404 9.51 -10.21 -1.49
N GLY B 405 10.45 -9.81 -0.66
CA GLY B 405 11.32 -8.67 -0.89
C GLY B 405 12.72 -8.93 -0.38
N THR B 406 13.70 -8.47 -1.14
CA THR B 406 15.12 -8.48 -0.76
C THR B 406 15.74 -7.11 -1.07
N LEU B 407 16.50 -6.58 -0.10
CA LEU B 407 17.34 -5.39 -0.29
C LEU B 407 18.82 -5.83 -0.21
N VAL B 408 19.64 -5.26 -1.07
CA VAL B 408 21.11 -5.46 -1.06
C VAL B 408 21.75 -4.10 -0.76
N PHE B 409 22.52 -4.06 0.32
CA PHE B 409 23.29 -2.89 0.78
C PHE B 409 24.77 -3.24 0.65
N ARG B 410 25.57 -2.25 0.28
CA ARG B 410 27.05 -2.37 0.13
C ARG B 410 27.75 -1.26 0.92
N ARG B 411 28.90 -1.56 1.53
CA ARG B 411 29.79 -0.50 2.09
C ARG B 411 30.05 0.59 1.06
N PHE B 412 30.03 1.83 1.52
CA PHE B 412 30.36 3.04 0.71
C PHE B 412 31.64 3.68 1.25
N ALA B 413 32.62 4.01 0.39
CA ALA B 413 33.83 4.78 0.78
C ALA B 413 34.52 5.38 -0.46
C10 JGP C . -7.19 -22.03 -1.22
C13 JGP C . -5.65 -19.50 -1.82
C15 JGP C . -5.84 -20.68 0.43
C17 JGP C . -8.82 -16.29 4.35
C01 JGP C . -7.98 -20.48 3.02
C02 JGP C . -7.97 -19.71 4.19
C03 JGP C . -8.36 -18.42 4.04
C04 JGP C . -8.77 -17.88 2.82
C05 JGP C . -8.80 -18.61 1.64
C06 JGP C . -8.38 -19.94 1.79
C07 JGP C . -8.38 -20.87 0.62
O08 JGP C . -9.43 -21.38 0.24
N09 JGP C . -7.19 -21.16 -0.02
C11 JGP C . -7.47 -21.24 -2.47
C12 JGP C . -6.28 -20.37 -2.93
C14 JGP C . -4.90 -20.28 -0.72
O16 JGP C . -9.10 -16.58 3.01
O18 JGP C . -8.43 -17.46 5.01
S DMS D . 4.71 4.41 -18.07
O DMS D . 5.85 4.62 -17.12
C1 DMS D . 3.92 5.99 -18.28
C2 DMS D . 5.42 4.35 -19.70
S DMS E . -2.86 27.07 -22.89
O DMS E . -4.04 26.99 -23.85
C1 DMS E . -2.11 25.45 -22.89
C2 DMS E . -1.59 27.95 -23.81
S DMS F . -16.75 -13.64 12.76
O DMS F . -15.75 -13.97 13.86
C1 DMS F . -18.36 -13.97 13.44
C2 DMS F . -16.69 -14.98 11.61
S DMS G . 9.53 16.57 15.62
O DMS G . 10.94 16.55 15.06
C1 DMS G . 9.49 17.89 16.82
C2 DMS G . 8.48 17.31 14.40
S DMS H . 12.35 27.53 2.37
O DMS H . 13.31 27.63 1.19
C1 DMS H . 13.36 27.49 3.84
C2 DMS H . 11.69 29.17 2.55
S DMS I . 18.07 1.19 -6.75
O DMS I . 17.11 1.02 -7.90
C1 DMS I . 18.31 -0.43 -6.07
C2 DMS I . 19.68 1.38 -7.46
S DMS J . -9.21 9.01 16.43
O DMS J . -10.02 7.75 16.24
C1 DMS J . -9.51 9.49 18.11
C2 DMS J . -7.52 8.56 16.65
S DMS K . 17.70 11.35 16.55
O DMS K . 17.96 11.07 15.10
C1 DMS K . 17.35 9.82 17.36
C2 DMS K . 16.13 12.09 16.66
S DMS L . -5.28 7.64 20.13
O DMS L . -4.35 6.69 19.45
C1 DMS L . -4.26 8.60 21.20
C2 DMS L . -6.13 6.70 21.38
S DMS M . 14.15 20.63 7.84
O DMS M . 14.34 21.37 6.55
C1 DMS M . 13.22 21.70 8.90
C2 DMS M . 15.70 20.70 8.74
P PO4 N . 18.93 20.97 -3.74
O1 PO4 N . 20.44 21.23 -3.95
O2 PO4 N . 18.17 22.30 -3.69
O3 PO4 N . 18.72 20.18 -2.48
O4 PO4 N . 18.37 20.18 -4.97
#